data_5HPL
#
_entry.id   5HPL
#
_cell.length_a   72.486
_cell.length_b   92.352
_cell.length_c   82.161
_cell.angle_alpha   90.00
_cell.angle_beta   101.60
_cell.angle_gamma   90.00
#
_symmetry.space_group_name_H-M   'P 1 21 1'
#
loop_
_entity.id
_entity.type
_entity.pdbx_description
1 polymer Rsp5
2 polymer 'Ubiquitin variant R5.4'
3 water water
#
loop_
_entity_poly.entity_id
_entity_poly.type
_entity_poly.pdbx_seq_one_letter_code
_entity_poly.pdbx_strand_id
1 'polypeptide(L)'
;QYKRDFRRKVIYFRSQPALRILPGQCHIKVRRKNIFEDAYQEIMRQTPEDLKKRLMIKFDGEEGLDYGGVSREFFFLLSH
EMFNPFYCLFEYSAYDNYTIQINPNSGINPEHLNYFKFIGRVVGLGVFHRRFLDAFFVGALYKMMLRKKVVLQDMEGVDA
EVYNSLNWMLENSIDGVLDLTFSADDERFGEVVTVDLKPDGRNIEVTDGNKKEYVELYTQWRIVDRVQEQFKAFMDGFNE
LIPEDLVTVFDERELELLIGGIAEIDIEDWKKHTDYRGYQESDEVIQWFWKCVSEWDNEQRARLLQFTTGTSRIPVNGFK
DLQGSDGPRRFTIEKAGEVQQLPKSHTCFNRVDLPQYVDYDSMKQKLTLAVEETIGFGQE
;
A,B
2 'polypeptide(L)'
;MGHHHHHHMQIFVKTPTRKSISLEVEPSDTIENVKAKIQDKEGIPPDQQRLIFAGKQLEDGRTLSDYNIQKESTLHLVLR
LPGTIK
;
C,D
#
# COMPACT_ATOMS: atom_id res chain seq x y z
N ASP A 5 -0.45 33.36 -13.88
CA ASP A 5 -1.75 34.01 -13.85
C ASP A 5 -2.58 33.58 -12.63
N PHE A 6 -2.32 32.39 -12.10
CA PHE A 6 -3.03 31.86 -10.94
C PHE A 6 -2.98 32.80 -9.74
N ARG A 7 -1.79 33.33 -9.46
CA ARG A 7 -1.60 34.23 -8.32
C ARG A 7 -2.53 35.46 -8.40
N ARG A 8 -2.62 36.08 -9.57
CA ARG A 8 -3.44 37.28 -9.73
C ARG A 8 -4.91 36.95 -9.49
N LYS A 9 -5.34 35.86 -10.11
CA LYS A 9 -6.70 35.34 -9.96
C LYS A 9 -7.05 35.10 -8.50
N VAL A 10 -6.12 34.52 -7.75
CA VAL A 10 -6.38 34.23 -6.34
C VAL A 10 -6.61 35.51 -5.57
N ILE A 11 -5.64 36.43 -5.61
CA ILE A 11 -5.79 37.78 -5.04
C ILE A 11 -7.12 38.46 -5.41
N TYR A 12 -7.40 38.51 -6.71
CA TYR A 12 -8.65 39.07 -7.20
C TYR A 12 -9.83 38.37 -6.49
N PHE A 13 -9.86 37.04 -6.59
CA PHE A 13 -10.87 36.21 -5.92
C PHE A 13 -11.00 36.54 -4.43
N ARG A 14 -9.89 36.62 -3.73
CA ARG A 14 -9.95 36.90 -2.30
C ARG A 14 -10.30 38.36 -2.01
N SER A 15 -10.29 39.21 -3.04
CA SER A 15 -10.62 40.63 -2.85
C SER A 15 -12.11 40.93 -3.01
N GLN A 16 -12.90 39.92 -3.33
CA GLN A 16 -14.31 40.14 -3.59
C GLN A 16 -15.07 40.35 -2.29
N PRO A 17 -16.13 41.18 -2.33
CA PRO A 17 -17.10 41.31 -1.24
C PRO A 17 -17.69 39.97 -0.77
N ALA A 18 -18.03 39.07 -1.69
CA ALA A 18 -18.65 37.78 -1.31
C ALA A 18 -17.75 36.93 -0.41
N LEU A 19 -16.46 37.23 -0.41
CA LEU A 19 -15.49 36.43 0.34
C LEU A 19 -15.08 37.05 1.67
N ARG A 20 -15.69 38.16 2.04
CA ARG A 20 -15.36 38.74 3.33
C ARG A 20 -15.95 37.93 4.46
N ILE A 21 -15.11 37.64 5.45
CA ILE A 21 -15.54 37.08 6.71
C ILE A 21 -16.58 38.01 7.33
N LEU A 22 -17.72 37.45 7.69
CA LEU A 22 -18.86 38.20 8.22
C LEU A 22 -18.67 38.33 9.72
N PRO A 23 -19.20 39.41 10.31
CA PRO A 23 -18.94 39.64 11.74
C PRO A 23 -19.51 38.54 12.64
N GLY A 24 -18.84 38.28 13.76
CA GLY A 24 -19.29 37.28 14.70
C GLY A 24 -18.55 35.96 14.56
N GLN A 25 -19.15 34.89 15.07
CA GLN A 25 -18.47 33.62 15.05
C GLN A 25 -19.39 32.49 14.64
N CYS A 26 -18.77 31.47 14.05
CA CYS A 26 -19.45 30.23 13.73
C CYS A 26 -18.89 29.15 14.61
N HIS A 27 -19.70 28.63 15.52
CA HIS A 27 -19.25 27.61 16.46
C HIS A 27 -19.58 26.17 16.03
N ILE A 28 -18.53 25.35 15.93
CA ILE A 28 -18.63 23.95 15.52
C ILE A 28 -17.95 23.03 16.54
N LYS A 29 -18.75 22.15 17.17
CA LYS A 29 -18.27 21.21 18.20
C LYS A 29 -18.45 19.76 17.74
N VAL A 30 -17.39 18.97 17.77
CA VAL A 30 -17.50 17.60 17.29
C VAL A 30 -16.70 16.64 18.17
N ARG A 31 -17.18 15.40 18.25
CA ARG A 31 -16.39 14.33 18.86
C ARG A 31 -15.47 13.78 17.79
N ARG A 32 -14.19 13.64 18.12
CA ARG A 32 -13.21 13.08 17.18
C ARG A 32 -13.68 11.74 16.59
N LYS A 33 -14.11 10.82 17.44
CA LYS A 33 -14.56 9.51 16.99
C LYS A 33 -15.86 9.54 16.19
N ASN A 34 -16.53 10.69 16.15
CA ASN A 34 -17.78 10.83 15.40
C ASN A 34 -17.78 12.06 14.51
N ILE A 35 -16.64 12.36 13.89
CA ILE A 35 -16.47 13.66 13.26
C ILE A 35 -17.42 13.85 12.08
N PHE A 36 -17.61 12.79 11.28
CA PHE A 36 -18.52 12.82 10.13
C PHE A 36 -19.95 13.16 10.59
N GLU A 37 -20.47 12.36 11.52
CA GLU A 37 -21.85 12.53 11.95
C GLU A 37 -22.07 13.87 12.69
N ASP A 38 -21.12 14.25 13.54
CA ASP A 38 -21.20 15.47 14.32
C ASP A 38 -21.05 16.67 13.41
N ALA A 39 -20.09 16.64 12.50
CA ALA A 39 -19.91 17.77 11.59
C ALA A 39 -21.12 17.92 10.70
N TYR A 40 -21.73 16.79 10.31
CA TYR A 40 -22.93 16.86 9.49
C TYR A 40 -24.04 17.61 10.24
N GLN A 41 -24.21 17.30 11.52
CA GLN A 41 -25.27 17.93 12.31
C GLN A 41 -24.98 19.41 12.54
N GLU A 42 -23.71 19.72 12.80
CA GLU A 42 -23.29 21.06 13.17
C GLU A 42 -23.41 22.02 11.99
N ILE A 43 -23.05 21.51 10.82
CA ILE A 43 -22.93 22.34 9.66
C ILE A 43 -24.28 22.46 8.93
N MET A 44 -25.06 21.39 8.88
CA MET A 44 -26.35 21.48 8.18
C MET A 44 -27.41 22.28 8.96
N ARG A 45 -27.29 22.38 10.27
CA ARG A 45 -28.27 23.18 11.02
C ARG A 45 -28.00 24.68 10.91
N GLN A 46 -26.96 25.08 10.18
CA GLN A 46 -26.68 26.52 10.05
C GLN A 46 -26.97 27.05 8.64
N THR A 47 -27.21 28.35 8.53
CA THR A 47 -27.36 29.01 7.22
C THR A 47 -26.00 29.35 6.62
N PRO A 48 -25.95 29.54 5.29
CA PRO A 48 -24.72 30.01 4.64
C PRO A 48 -24.17 31.30 5.25
N GLU A 49 -25.03 32.20 5.72
CA GLU A 49 -24.57 33.46 6.35
C GLU A 49 -23.80 33.15 7.62
N ASP A 50 -24.28 32.17 8.37
CA ASP A 50 -23.68 31.77 9.64
C ASP A 50 -22.27 31.25 9.46
N LEU A 51 -22.07 30.47 8.40
CA LEU A 51 -20.81 29.77 8.16
C LEU A 51 -19.78 30.65 7.48
N LYS A 52 -20.20 31.86 7.10
CA LYS A 52 -19.27 32.82 6.53
C LYS A 52 -18.70 33.71 7.64
N LYS A 53 -19.20 33.53 8.87
CA LYS A 53 -18.62 34.19 10.03
C LYS A 53 -17.29 33.53 10.35
N ARG A 54 -16.52 34.12 11.28
CA ARG A 54 -15.25 33.53 11.69
C ARG A 54 -15.40 32.11 12.24
N LEU A 55 -14.65 31.17 11.67
CA LEU A 55 -14.82 29.76 12.02
C LEU A 55 -14.11 29.40 13.33
N MET A 56 -14.87 28.84 14.26
CA MET A 56 -14.35 28.42 15.55
C MET A 56 -14.68 26.95 15.80
N ILE A 57 -13.66 26.09 15.78
CA ILE A 57 -13.88 24.64 15.88
C ILE A 57 -13.30 24.07 17.17
N LYS A 58 -14.09 23.27 17.88
CA LYS A 58 -13.55 22.53 19.03
C LYS A 58 -13.92 21.04 19.11
N PHE A 59 -12.93 20.19 19.31
CA PHE A 59 -13.17 18.77 19.61
C PHE A 59 -13.58 18.58 21.07
N ASP A 60 -14.63 17.80 21.31
CA ASP A 60 -15.03 17.51 22.69
C ASP A 60 -13.89 16.85 23.47
N GLY A 61 -13.71 17.31 24.70
CA GLY A 61 -12.71 16.74 25.58
C GLY A 61 -11.28 17.11 25.25
N GLU A 62 -11.08 17.96 24.24
CA GLU A 62 -9.72 18.36 23.86
C GLU A 62 -9.57 19.87 23.89
N GLU A 63 -8.53 20.37 24.56
CA GLU A 63 -8.32 21.82 24.57
C GLU A 63 -8.10 22.40 23.18
N GLY A 64 -8.67 23.56 22.94
CA GLY A 64 -8.60 24.13 21.62
C GLY A 64 -7.97 25.50 21.39
N LEU A 65 -7.05 25.95 22.24
CA LEU A 65 -6.54 27.33 22.06
C LEU A 65 -5.74 27.49 20.75
N ASP A 66 -5.06 26.44 20.29
CA ASP A 66 -4.41 26.51 18.97
C ASP A 66 -5.43 26.37 17.85
N TYR A 67 -6.08 27.48 17.52
CA TYR A 67 -7.18 27.49 16.57
C TYR A 67 -6.83 26.97 15.18
N GLY A 68 -5.66 27.34 14.70
CA GLY A 68 -5.26 27.00 13.35
C GLY A 68 -5.01 25.51 13.22
N GLY A 69 -4.42 24.94 14.26
CA GLY A 69 -4.06 23.54 14.25
C GLY A 69 -5.29 22.68 14.38
N VAL A 70 -6.21 23.10 15.24
CA VAL A 70 -7.45 22.39 15.45
C VAL A 70 -8.23 22.40 14.15
N SER A 71 -8.25 23.58 13.51
CA SER A 71 -8.95 23.79 12.24
C SER A 71 -8.43 22.88 11.13
N ARG A 72 -7.11 22.87 10.95
CA ARG A 72 -6.44 22.00 9.97
C ARG A 72 -6.70 20.52 10.20
N GLU A 73 -6.76 20.09 11.46
CA GLU A 73 -6.99 18.67 11.73
C GLU A 73 -8.44 18.31 11.46
N PHE A 74 -9.33 19.27 11.72
CA PHE A 74 -10.75 19.14 11.44
C PHE A 74 -10.99 18.82 9.96
N PHE A 75 -10.46 19.66 9.07
CA PHE A 75 -10.67 19.48 7.64
C PHE A 75 -9.94 18.25 7.10
N PHE A 76 -8.88 17.85 7.78
CA PHE A 76 -8.13 16.69 7.38
C PHE A 76 -8.91 15.41 7.69
N LEU A 77 -9.37 15.29 8.94
CA LEU A 77 -10.11 14.13 9.38
C LEU A 77 -11.44 14.02 8.67
N LEU A 78 -12.10 15.16 8.52
CA LEU A 78 -13.46 15.17 7.97
C LEU A 78 -13.44 14.72 6.52
N SER A 79 -12.48 15.22 5.76
CA SER A 79 -12.44 14.91 4.35
C SER A 79 -12.12 13.43 4.13
N HIS A 80 -11.46 12.80 5.09
CA HIS A 80 -11.11 11.40 4.94
C HIS A 80 -12.34 10.51 5.28
N GLU A 81 -13.26 11.02 6.07
CA GLU A 81 -14.52 10.31 6.30
C GLU A 81 -15.57 10.55 5.18
N MET A 82 -15.78 11.80 4.79
CA MET A 82 -16.68 12.16 3.66
C MET A 82 -16.39 11.35 2.42
N PHE A 83 -15.10 11.34 2.07
CA PHE A 83 -14.62 10.73 0.85
C PHE A 83 -14.21 9.25 1.01
N ASN A 84 -14.41 8.67 2.19
CA ASN A 84 -14.16 7.23 2.37
C ASN A 84 -15.15 6.40 1.54
N PRO A 85 -14.65 5.67 0.54
CA PRO A 85 -15.49 4.92 -0.39
C PRO A 85 -16.51 3.99 0.27
N PHE A 86 -16.24 3.50 1.47
CA PHE A 86 -17.24 2.71 2.21
C PHE A 86 -18.66 3.32 2.18
N TYR A 87 -18.75 4.64 2.28
CA TYR A 87 -20.05 5.31 2.36
C TYR A 87 -20.67 5.50 0.98
N CYS A 88 -19.89 5.23 -0.07
CA CYS A 88 -20.38 5.29 -1.44
C CYS A 88 -20.90 6.68 -1.90
N LEU A 89 -20.47 7.75 -1.26
CA LEU A 89 -20.71 9.07 -1.82
C LEU A 89 -19.68 9.29 -2.94
N PHE A 90 -18.41 9.12 -2.59
CA PHE A 90 -17.36 9.16 -3.59
C PHE A 90 -16.68 7.80 -3.67
N GLU A 91 -15.96 7.58 -4.76
CA GLU A 91 -15.21 6.34 -4.95
C GLU A 91 -13.88 6.67 -5.62
N TYR A 92 -12.98 5.71 -5.70
CA TYR A 92 -11.66 5.98 -6.29
C TYR A 92 -11.74 6.28 -7.79
N SER A 93 -10.79 7.07 -8.27
CA SER A 93 -10.62 7.25 -9.69
C SER A 93 -10.23 5.91 -10.34
N ALA A 94 -10.16 5.89 -11.66
CA ALA A 94 -9.81 4.67 -12.38
C ALA A 94 -8.29 4.45 -12.50
N TYR A 95 -7.50 5.48 -12.27
CA TYR A 95 -6.05 5.36 -12.48
C TYR A 95 -5.19 5.54 -11.21
N ASP A 96 -5.82 5.52 -10.04
CA ASP A 96 -5.13 5.45 -8.75
C ASP A 96 -6.10 5.01 -7.64
N ASN A 97 -5.63 5.03 -6.40
CA ASN A 97 -6.47 4.77 -5.23
C ASN A 97 -6.41 5.87 -4.17
N TYR A 98 -6.25 7.12 -4.59
CA TYR A 98 -6.23 8.24 -3.66
C TYR A 98 -6.91 9.52 -4.21
N THR A 99 -7.28 9.46 -5.48
CA THR A 99 -8.03 10.51 -6.16
C THR A 99 -9.45 9.96 -6.34
N ILE A 100 -10.45 10.83 -6.35
CA ILE A 100 -11.85 10.39 -6.20
C ILE A 100 -12.84 11.01 -7.17
N GLN A 101 -13.95 10.29 -7.33
CA GLN A 101 -15.11 10.73 -8.11
C GLN A 101 -16.41 10.34 -7.42
N ILE A 102 -17.52 10.92 -7.87
CA ILE A 102 -18.84 10.60 -7.34
C ILE A 102 -19.21 9.16 -7.63
N ASN A 103 -19.61 8.43 -6.60
CA ASN A 103 -20.11 7.08 -6.79
C ASN A 103 -21.57 7.11 -7.27
N PRO A 104 -21.82 6.70 -8.54
CA PRO A 104 -23.18 6.65 -9.10
C PRO A 104 -24.19 5.81 -8.33
N ASN A 105 -23.77 4.91 -7.44
CA ASN A 105 -24.74 4.09 -6.70
C ASN A 105 -24.92 4.56 -5.26
N SER A 106 -24.47 5.78 -5.01
CA SER A 106 -24.64 6.47 -3.74
C SER A 106 -26.05 6.35 -3.16
N GLY A 107 -27.06 6.34 -4.03
CA GLY A 107 -28.46 6.17 -3.65
C GLY A 107 -28.82 4.96 -2.81
N ILE A 108 -27.91 4.00 -2.73
CA ILE A 108 -28.07 2.86 -1.83
C ILE A 108 -28.30 3.35 -0.39
N ASN A 109 -27.75 4.52 -0.06
CA ASN A 109 -28.14 5.25 1.14
C ASN A 109 -29.18 6.30 0.75
N PRO A 110 -30.43 6.12 1.19
CA PRO A 110 -31.56 6.93 0.68
C PRO A 110 -31.31 8.42 0.90
N GLU A 111 -30.56 8.73 1.94
CA GLU A 111 -30.34 10.12 2.32
C GLU A 111 -29.15 10.76 1.60
N HIS A 112 -28.63 10.13 0.55
CA HIS A 112 -27.37 10.65 0.01
C HIS A 112 -27.38 12.14 -0.44
N LEU A 113 -28.47 12.63 -1.05
CA LEU A 113 -28.47 13.96 -1.66
C LEU A 113 -28.10 15.06 -0.65
N ASN A 114 -28.60 14.91 0.57
CA ASN A 114 -28.25 15.80 1.66
C ASN A 114 -26.79 15.74 2.11
N TYR A 115 -26.22 14.56 1.98
CA TYR A 115 -24.84 14.39 2.37
C TYR A 115 -23.93 14.94 1.27
N PHE A 116 -24.38 14.88 0.02
CA PHE A 116 -23.64 15.52 -1.08
C PHE A 116 -23.69 17.03 -0.95
N LYS A 117 -24.80 17.53 -0.43
CA LYS A 117 -24.95 18.95 -0.15
C LYS A 117 -23.98 19.35 0.96
N PHE A 118 -23.92 18.51 2.00
CA PHE A 118 -23.01 18.70 3.11
C PHE A 118 -21.54 18.70 2.67
N ILE A 119 -21.15 17.75 1.81
CA ILE A 119 -19.77 17.71 1.31
C ILE A 119 -19.40 18.98 0.52
N GLY A 120 -20.32 19.42 -0.35
CA GLY A 120 -20.18 20.67 -1.08
C GLY A 120 -20.01 21.85 -0.15
N ARG A 121 -20.77 21.88 0.93
CA ARG A 121 -20.57 22.91 1.97
C ARG A 121 -19.19 22.80 2.66
N VAL A 122 -18.76 21.58 2.98
CA VAL A 122 -17.47 21.40 3.64
C VAL A 122 -16.37 21.91 2.72
N VAL A 123 -16.47 21.58 1.43
CA VAL A 123 -15.46 21.99 0.47
C VAL A 123 -15.50 23.51 0.22
N GLY A 124 -16.72 24.07 0.17
CA GLY A 124 -16.90 25.50 0.06
C GLY A 124 -16.41 26.26 1.28
N LEU A 125 -16.58 25.63 2.43
CA LEU A 125 -16.15 26.19 3.69
C LEU A 125 -14.62 26.26 3.77
N GLY A 126 -13.97 25.22 3.25
CA GLY A 126 -12.52 25.15 3.28
C GLY A 126 -11.97 26.29 2.45
N VAL A 127 -12.52 26.44 1.25
CA VAL A 127 -12.11 27.49 0.35
C VAL A 127 -12.39 28.87 0.95
N PHE A 128 -13.62 29.10 1.43
CA PHE A 128 -14.01 30.40 1.97
C PHE A 128 -13.08 30.86 3.11
N HIS A 129 -12.70 29.93 3.98
CA HIS A 129 -11.91 30.25 5.16
C HIS A 129 -10.44 29.93 5.03
N ARG A 130 -9.94 29.76 3.81
CA ARG A 130 -8.50 29.51 3.59
C ARG A 130 -8.00 28.26 4.30
N ARG A 131 -8.78 27.19 4.24
CA ARG A 131 -8.31 25.92 4.80
C ARG A 131 -8.29 24.85 3.71
N PHE A 132 -7.11 24.47 3.26
CA PHE A 132 -6.99 23.42 2.23
C PHE A 132 -7.56 22.08 2.69
N LEU A 133 -8.12 21.32 1.75
CA LEU A 133 -8.67 20.00 2.04
C LEU A 133 -7.86 18.94 1.34
N ASP A 134 -7.88 17.72 1.88
CA ASP A 134 -7.41 16.56 1.13
C ASP A 134 -8.57 16.09 0.22
N ALA A 135 -8.83 16.86 -0.83
CA ALA A 135 -9.93 16.60 -1.76
C ALA A 135 -9.44 16.74 -3.19
N PHE A 136 -8.93 15.65 -3.75
CA PHE A 136 -8.44 15.68 -5.11
C PHE A 136 -9.34 14.83 -6.01
N PHE A 137 -9.90 15.49 -7.01
CA PHE A 137 -10.92 14.94 -7.88
C PHE A 137 -10.37 14.56 -9.25
N VAL A 138 -11.05 13.63 -9.92
CA VAL A 138 -10.83 13.38 -11.35
C VAL A 138 -11.09 14.65 -12.15
N GLY A 139 -10.38 14.80 -13.28
CA GLY A 139 -10.50 15.97 -14.13
C GLY A 139 -11.91 16.36 -14.56
N ALA A 140 -12.72 15.36 -14.92
CA ALA A 140 -14.09 15.61 -15.35
C ALA A 140 -14.90 16.35 -14.26
N LEU A 141 -14.66 16.04 -12.99
CA LEU A 141 -15.42 16.68 -11.94
C LEU A 141 -15.08 18.16 -11.80
N TYR A 142 -13.81 18.54 -11.96
CA TYR A 142 -13.48 19.98 -11.89
C TYR A 142 -14.17 20.69 -13.01
N LYS A 143 -14.13 20.09 -14.19
CA LYS A 143 -14.76 20.64 -15.39
C LYS A 143 -16.23 20.85 -15.18
N MET A 144 -16.89 19.89 -14.55
CA MET A 144 -18.32 20.04 -14.35
C MET A 144 -18.61 21.13 -13.35
N MET A 145 -17.77 21.25 -12.33
CA MET A 145 -17.87 22.35 -11.38
C MET A 145 -17.80 23.69 -12.12
N LEU A 146 -16.99 23.76 -13.16
CA LEU A 146 -16.75 25.02 -13.88
C LEU A 146 -17.71 25.20 -15.05
N ARG A 147 -18.63 24.25 -15.23
CA ARG A 147 -19.58 24.27 -16.32
C ARG A 147 -18.90 24.25 -17.69
N LYS A 148 -17.85 23.46 -17.79
CA LYS A 148 -17.14 23.24 -19.04
C LYS A 148 -17.54 21.88 -19.59
N LYS A 149 -17.37 21.64 -20.88
CA LYS A 149 -17.77 20.37 -21.47
C LYS A 149 -16.74 19.29 -21.17
N VAL A 150 -17.19 18.06 -21.09
CA VAL A 150 -16.27 16.96 -20.94
C VAL A 150 -16.21 16.20 -22.28
N VAL A 151 -15.03 15.65 -22.56
CA VAL A 151 -14.80 14.88 -23.77
C VAL A 151 -14.38 13.44 -23.43
N LEU A 152 -14.29 12.60 -24.45
CA LEU A 152 -13.88 11.20 -24.28
C LEU A 152 -12.57 11.07 -23.47
N GLN A 153 -11.62 11.96 -23.73
CA GLN A 153 -10.34 11.91 -23.02
C GLN A 153 -10.55 12.00 -21.50
N ASP A 154 -11.65 12.63 -21.06
CA ASP A 154 -11.94 12.76 -19.64
C ASP A 154 -12.38 11.44 -19.01
N MET A 155 -12.75 10.48 -19.85
CA MET A 155 -13.17 9.17 -19.39
C MET A 155 -12.05 8.38 -18.72
N GLU A 156 -10.81 8.66 -19.13
CA GLU A 156 -9.66 7.88 -18.69
C GLU A 156 -9.56 7.78 -17.17
N GLY A 157 -9.76 8.91 -16.50
CA GLY A 157 -9.78 8.99 -15.06
C GLY A 157 -11.06 8.48 -14.41
N VAL A 158 -12.12 8.32 -15.20
CA VAL A 158 -13.41 7.90 -14.65
C VAL A 158 -13.59 6.40 -14.73
N ASP A 159 -13.30 5.82 -15.89
CA ASP A 159 -13.41 4.38 -16.12
C ASP A 159 -12.47 4.04 -17.25
N ALA A 160 -11.23 3.71 -16.89
CA ALA A 160 -10.15 3.55 -17.87
C ALA A 160 -10.42 2.40 -18.83
N GLU A 161 -10.98 1.30 -18.31
CA GLU A 161 -11.32 0.15 -19.15
C GLU A 161 -12.38 0.49 -20.19
N VAL A 162 -13.44 1.17 -19.77
CA VAL A 162 -14.41 1.69 -20.73
C VAL A 162 -13.75 2.69 -21.70
N TYR A 163 -12.86 3.54 -21.19
CA TYR A 163 -12.08 4.44 -22.06
C TYR A 163 -11.35 3.69 -23.19
N ASN A 164 -10.63 2.63 -22.84
CA ASN A 164 -9.94 1.84 -23.86
C ASN A 164 -10.87 1.19 -24.89
N SER A 165 -12.00 0.67 -24.43
CA SER A 165 -12.97 0.04 -25.33
C SER A 165 -13.52 0.99 -26.38
N LEU A 166 -13.85 2.22 -25.98
CA LEU A 166 -14.40 3.19 -26.90
C LEU A 166 -13.38 3.60 -27.98
N ASN A 167 -12.14 3.79 -27.57
CA ASN A 167 -11.04 4.04 -28.50
C ASN A 167 -10.86 2.91 -29.49
N TRP A 168 -10.86 1.66 -29.01
CA TRP A 168 -10.73 0.51 -29.89
C TRP A 168 -11.85 0.50 -30.92
N MET A 169 -13.03 0.87 -30.49
CA MET A 169 -14.19 0.96 -31.37
C MET A 169 -14.02 2.04 -32.42
N LEU A 170 -13.53 3.20 -32.00
CA LEU A 170 -13.30 4.32 -32.91
C LEU A 170 -12.22 4.05 -33.95
N GLU A 171 -11.33 3.10 -33.68
CA GLU A 171 -10.16 2.89 -34.52
C GLU A 171 -10.21 1.57 -35.24
N ASN A 172 -11.27 0.81 -35.01
CA ASN A 172 -11.38 -0.53 -35.56
C ASN A 172 -12.77 -0.83 -36.03
N SER A 173 -12.88 -1.55 -37.14
CA SER A 173 -14.16 -2.03 -37.63
C SER A 173 -14.86 -2.89 -36.59
N ILE A 174 -16.10 -2.56 -36.26
CA ILE A 174 -16.87 -3.31 -35.26
C ILE A 174 -17.93 -4.19 -35.91
N ASP A 175 -18.14 -3.99 -37.21
CA ASP A 175 -19.20 -4.69 -37.94
C ASP A 175 -18.92 -6.18 -38.02
N GLY A 176 -19.79 -6.97 -37.38
CA GLY A 176 -19.64 -8.41 -37.33
C GLY A 176 -18.76 -8.87 -36.19
N VAL A 177 -18.35 -7.92 -35.35
CA VAL A 177 -17.47 -8.22 -34.22
C VAL A 177 -18.17 -7.92 -32.90
N LEU A 178 -18.88 -6.81 -32.84
CA LEU A 178 -19.56 -6.41 -31.62
C LEU A 178 -21.04 -6.18 -31.87
N ASP A 179 -21.87 -6.89 -31.12
CA ASP A 179 -23.31 -6.69 -31.14
C ASP A 179 -23.65 -5.63 -30.09
N LEU A 180 -23.96 -4.45 -30.57
CA LEU A 180 -24.03 -3.21 -29.80
C LEU A 180 -25.26 -2.38 -30.14
N THR A 181 -25.96 -1.89 -29.12
CA THR A 181 -27.04 -0.95 -29.36
C THR A 181 -26.77 0.40 -28.67
N PHE A 182 -27.64 1.38 -28.88
CA PHE A 182 -27.52 2.67 -28.20
C PHE A 182 -28.05 2.59 -26.78
N SER A 183 -27.47 1.68 -26.00
CA SER A 183 -27.79 1.50 -24.60
C SER A 183 -26.52 1.29 -23.80
N ALA A 184 -26.61 1.45 -22.49
CA ALA A 184 -25.50 1.22 -21.62
C ALA A 184 -25.94 0.33 -20.47
N ASP A 185 -24.95 -0.37 -19.91
CA ASP A 185 -25.12 -1.16 -18.71
C ASP A 185 -24.76 -0.33 -17.49
N ASP A 186 -25.73 -0.16 -16.60
CA ASP A 186 -25.52 0.52 -15.34
C ASP A 186 -25.33 -0.56 -14.24
N GLU A 187 -24.07 -0.84 -13.89
CA GLU A 187 -23.78 -1.80 -12.82
C GLU A 187 -24.24 -1.26 -11.48
N ARG A 188 -24.81 -2.13 -10.65
CA ARG A 188 -25.05 -1.80 -9.26
C ARG A 188 -25.06 -3.06 -8.37
N PHE A 189 -23.93 -3.25 -7.70
CA PHE A 189 -23.78 -4.26 -6.66
C PHE A 189 -24.17 -5.64 -7.12
N GLY A 190 -23.66 -6.05 -8.28
CA GLY A 190 -23.91 -7.38 -8.79
C GLY A 190 -25.05 -7.44 -9.80
N GLU A 191 -25.91 -6.42 -9.79
CA GLU A 191 -27.03 -6.34 -10.72
C GLU A 191 -26.63 -5.52 -11.93
N VAL A 192 -27.23 -5.81 -13.08
CA VAL A 192 -27.02 -4.98 -14.26
C VAL A 192 -28.35 -4.41 -14.75
N VAL A 193 -28.42 -3.08 -14.86
CA VAL A 193 -29.64 -2.44 -15.34
C VAL A 193 -29.31 -1.63 -16.60
N THR A 194 -30.23 -1.69 -17.57
CA THR A 194 -30.01 -1.18 -18.90
C THR A 194 -30.58 0.22 -19.07
N VAL A 195 -29.79 1.18 -19.57
CA VAL A 195 -30.33 2.51 -19.84
C VAL A 195 -30.22 2.87 -21.32
N ASP A 196 -31.28 3.41 -21.90
CA ASP A 196 -31.18 3.90 -23.27
C ASP A 196 -30.30 5.16 -23.36
N LEU A 197 -29.45 5.22 -24.39
CA LEU A 197 -28.57 6.37 -24.60
C LEU A 197 -29.27 7.51 -25.35
N LYS A 198 -30.31 7.13 -26.07
CA LYS A 198 -31.13 8.03 -26.86
C LYS A 198 -32.46 7.35 -26.89
N PRO A 199 -33.52 8.05 -27.31
CA PRO A 199 -34.85 7.42 -27.32
C PRO A 199 -34.86 6.11 -28.13
N ASP A 200 -35.46 5.06 -27.56
CA ASP A 200 -35.56 3.75 -28.21
C ASP A 200 -34.17 3.13 -28.44
N GLY A 201 -33.19 3.56 -27.64
CA GLY A 201 -31.79 3.19 -27.83
C GLY A 201 -31.42 1.71 -27.88
N ARG A 202 -31.97 0.92 -26.96
CA ARG A 202 -31.70 -0.52 -26.90
C ARG A 202 -32.17 -1.24 -28.17
N ASN A 203 -33.00 -0.58 -28.96
CA ASN A 203 -33.53 -1.18 -30.19
C ASN A 203 -32.86 -0.62 -31.43
N ILE A 204 -31.74 0.05 -31.24
CA ILE A 204 -31.02 0.66 -32.36
C ILE A 204 -29.58 0.14 -32.45
N GLU A 205 -29.27 -0.62 -33.49
CA GLU A 205 -27.94 -1.23 -33.53
C GLU A 205 -26.85 -0.21 -33.86
N VAL A 206 -25.73 -0.33 -33.15
CA VAL A 206 -24.54 0.45 -33.41
C VAL A 206 -23.72 -0.20 -34.53
N THR A 207 -23.26 0.61 -35.48
CA THR A 207 -22.53 0.16 -36.66
C THR A 207 -21.29 0.99 -36.79
N ASP A 208 -20.44 0.66 -37.75
CA ASP A 208 -19.31 1.51 -38.06
C ASP A 208 -19.80 2.88 -38.54
N GLY A 209 -21.01 2.90 -39.10
CA GLY A 209 -21.61 4.13 -39.60
C GLY A 209 -21.97 5.14 -38.54
N ASN A 210 -22.50 4.68 -37.42
CA ASN A 210 -23.00 5.59 -36.40
C ASN A 210 -22.24 5.55 -35.05
N LYS A 211 -21.10 4.86 -34.99
CA LYS A 211 -20.42 4.60 -33.72
C LYS A 211 -19.80 5.84 -33.04
N LYS A 212 -19.37 6.83 -33.82
CA LYS A 212 -18.91 8.11 -33.26
C LYS A 212 -19.97 8.70 -32.31
N GLU A 213 -21.20 8.75 -32.81
CA GLU A 213 -22.32 9.22 -32.02
C GLU A 213 -22.50 8.37 -30.74
N TYR A 214 -22.49 7.06 -30.90
CA TYR A 214 -22.59 6.17 -29.76
C TYR A 214 -21.56 6.51 -28.71
N VAL A 215 -20.31 6.66 -29.13
CA VAL A 215 -19.23 7.00 -28.21
C VAL A 215 -19.47 8.32 -27.47
N GLU A 216 -19.80 9.36 -28.21
CA GLU A 216 -20.11 10.65 -27.60
C GLU A 216 -21.30 10.56 -26.65
N LEU A 217 -22.35 9.83 -27.05
CA LEU A 217 -23.49 9.64 -26.16
C LEU A 217 -23.12 8.87 -24.89
N TYR A 218 -22.31 7.82 -25.04
CA TYR A 218 -21.87 7.02 -23.89
C TYR A 218 -21.05 7.91 -22.95
N THR A 219 -20.12 8.66 -23.52
CA THR A 219 -19.24 9.54 -22.75
C THR A 219 -20.03 10.52 -21.88
N GLN A 220 -21.04 11.14 -22.48
CA GLN A 220 -21.91 12.07 -21.79
C GLN A 220 -22.75 11.39 -20.73
N TRP A 221 -23.27 10.21 -21.04
CA TRP A 221 -24.11 9.53 -20.06
C TRP A 221 -23.28 9.17 -18.83
N ARG A 222 -22.18 8.44 -19.05
CA ARG A 222 -21.38 7.93 -17.93
C ARG A 222 -20.79 9.03 -17.06
N ILE A 223 -20.25 10.07 -17.68
CA ILE A 223 -19.58 11.12 -16.92
C ILE A 223 -20.54 12.16 -16.35
N VAL A 224 -21.49 12.62 -17.16
CA VAL A 224 -22.36 13.70 -16.72
C VAL A 224 -23.79 13.26 -16.30
N ASP A 225 -24.48 12.45 -17.09
CA ASP A 225 -25.90 12.18 -16.79
C ASP A 225 -26.09 11.30 -15.53
N ARG A 226 -25.35 10.20 -15.47
CA ARG A 226 -25.51 9.21 -14.40
C ARG A 226 -25.23 9.77 -13.00
N VAL A 227 -24.51 10.89 -12.86
CA VAL A 227 -24.32 11.48 -11.52
C VAL A 227 -24.97 12.87 -11.28
N GLN A 228 -25.90 13.23 -12.15
CA GLN A 228 -26.54 14.55 -12.14
C GLN A 228 -27.11 15.04 -10.81
N GLU A 229 -27.98 14.24 -10.20
CA GLU A 229 -28.61 14.63 -8.92
C GLU A 229 -27.58 14.81 -7.83
N GLN A 230 -26.60 13.91 -7.81
CA GLN A 230 -25.51 13.96 -6.83
C GLN A 230 -24.70 15.23 -7.03
N PHE A 231 -24.36 15.49 -8.28
CA PHE A 231 -23.56 16.65 -8.63
C PHE A 231 -24.25 18.00 -8.32
N LYS A 232 -25.55 18.05 -8.62
CA LYS A 232 -26.36 19.24 -8.36
C LYS A 232 -26.40 19.49 -6.87
N ALA A 233 -26.60 18.43 -6.09
CA ALA A 233 -26.64 18.55 -4.63
C ALA A 233 -25.30 19.08 -4.10
N PHE A 234 -24.23 18.55 -4.66
CA PHE A 234 -22.88 18.97 -4.30
C PHE A 234 -22.63 20.47 -4.62
N MET A 235 -22.96 20.90 -5.84
CA MET A 235 -22.82 22.31 -6.26
C MET A 235 -23.70 23.26 -5.43
N ASP A 236 -24.88 22.77 -5.04
CA ASP A 236 -25.80 23.53 -4.20
C ASP A 236 -25.11 23.86 -2.88
N GLY A 237 -24.55 22.83 -2.22
CA GLY A 237 -23.77 23.06 -1.03
C GLY A 237 -22.58 23.97 -1.27
N PHE A 238 -21.84 23.72 -2.35
CA PHE A 238 -20.62 24.46 -2.64
C PHE A 238 -20.92 25.94 -2.97
N ASN A 239 -21.81 26.17 -3.94
CA ASN A 239 -22.17 27.54 -4.34
C ASN A 239 -22.87 28.37 -3.24
N GLU A 240 -23.37 27.72 -2.18
CA GLU A 240 -23.88 28.45 -1.01
C GLU A 240 -22.75 29.22 -0.30
N LEU A 241 -21.50 28.75 -0.44
CA LEU A 241 -20.35 29.49 0.11
C LEU A 241 -19.52 30.20 -0.94
N ILE A 242 -19.39 29.59 -2.11
CA ILE A 242 -18.58 30.16 -3.16
C ILE A 242 -19.46 30.38 -4.38
N PRO A 243 -19.78 31.66 -4.67
CA PRO A 243 -20.66 31.94 -5.81
C PRO A 243 -20.04 31.45 -7.11
N GLU A 244 -20.85 30.82 -7.95
CA GLU A 244 -20.38 30.26 -9.21
C GLU A 244 -19.71 31.28 -10.09
N ASP A 245 -20.19 32.53 -10.07
CA ASP A 245 -19.63 33.51 -10.99
C ASP A 245 -18.20 33.88 -10.59
N LEU A 246 -17.82 33.61 -9.34
CA LEU A 246 -16.44 33.87 -8.90
C LEU A 246 -15.52 32.66 -9.13
N VAL A 247 -15.98 31.45 -8.78
CA VAL A 247 -15.11 30.30 -8.92
C VAL A 247 -14.79 29.97 -10.38
N THR A 248 -15.68 30.32 -11.31
CA THR A 248 -15.32 30.16 -12.73
C THR A 248 -14.24 31.11 -13.25
N VAL A 249 -13.71 32.00 -12.41
CA VAL A 249 -12.53 32.75 -12.82
C VAL A 249 -11.33 31.78 -12.99
N PHE A 250 -11.39 30.61 -12.34
CA PHE A 250 -10.32 29.62 -12.45
C PHE A 250 -10.55 28.58 -13.55
N ASP A 251 -9.48 27.98 -14.08
CA ASP A 251 -9.65 26.81 -14.92
C ASP A 251 -9.61 25.55 -14.07
N GLU A 252 -9.72 24.37 -14.71
CA GLU A 252 -9.93 23.14 -13.94
C GLU A 252 -8.69 22.72 -13.16
N ARG A 253 -7.51 23.05 -13.68
CA ARG A 253 -6.26 22.77 -12.96
C ARG A 253 -6.01 23.72 -11.79
N GLU A 254 -6.40 24.97 -11.96
CA GLU A 254 -6.28 25.96 -10.89
C GLU A 254 -7.27 25.65 -9.76
N LEU A 255 -8.46 25.20 -10.15
CA LEU A 255 -9.48 24.84 -9.16
C LEU A 255 -8.96 23.75 -8.23
N GLU A 256 -8.25 22.77 -8.79
CA GLU A 256 -7.65 21.72 -7.97
C GLU A 256 -6.68 22.31 -6.93
N LEU A 257 -5.78 23.21 -7.36
CA LEU A 257 -4.79 23.81 -6.47
C LEU A 257 -5.46 24.72 -5.45
N LEU A 258 -6.45 25.49 -5.89
CA LEU A 258 -7.25 26.31 -4.97
C LEU A 258 -7.87 25.51 -3.83
N ILE A 259 -8.38 24.32 -4.13
CA ILE A 259 -9.05 23.51 -3.11
C ILE A 259 -8.06 22.73 -2.24
N GLY A 260 -7.08 22.08 -2.84
CA GLY A 260 -6.17 21.23 -2.10
C GLY A 260 -4.80 21.79 -1.78
N GLY A 261 -4.53 23.01 -2.24
CA GLY A 261 -3.26 23.67 -1.93
C GLY A 261 -2.21 23.30 -2.96
N ILE A 262 -1.00 23.80 -2.77
CA ILE A 262 0.15 23.44 -3.59
C ILE A 262 1.23 22.76 -2.72
N ALA A 263 1.51 21.50 -3.00
CA ALA A 263 2.48 20.76 -2.20
C ALA A 263 3.92 21.22 -2.44
N GLU A 264 4.72 21.16 -1.39
CA GLU A 264 6.16 21.33 -1.53
C GLU A 264 6.77 19.98 -1.91
N ILE A 265 7.18 19.84 -3.17
CA ILE A 265 7.66 18.57 -3.69
C ILE A 265 9.12 18.29 -3.40
N ASP A 266 9.40 17.15 -2.77
CA ASP A 266 10.77 16.63 -2.58
C ASP A 266 11.29 16.09 -3.90
N ILE A 267 12.13 16.89 -4.55
CA ILE A 267 12.70 16.55 -5.84
C ILE A 267 13.58 15.30 -5.80
N GLU A 268 14.25 15.05 -4.67
CA GLU A 268 15.15 13.90 -4.61
C GLU A 268 14.36 12.62 -4.48
N ASP A 269 13.30 12.66 -3.69
CA ASP A 269 12.41 11.52 -3.54
C ASP A 269 11.87 11.14 -4.92
N TRP A 270 11.53 12.17 -5.68
CA TRP A 270 10.97 12.00 -7.01
C TRP A 270 12.02 11.36 -7.92
N LYS A 271 13.19 11.97 -8.01
CA LYS A 271 14.25 11.44 -8.86
C LYS A 271 14.56 9.98 -8.50
N LYS A 272 14.62 9.67 -7.21
CA LYS A 272 14.97 8.33 -6.73
C LYS A 272 13.97 7.24 -7.12
N HIS A 273 12.73 7.63 -7.37
CA HIS A 273 11.68 6.67 -7.63
C HIS A 273 11.14 6.79 -9.04
N THR A 274 12.02 7.24 -9.93
CA THR A 274 11.67 7.38 -11.34
C THR A 274 12.26 6.23 -12.13
N ASP A 275 11.47 5.67 -13.03
CA ASP A 275 11.99 4.72 -13.99
C ASP A 275 12.30 5.36 -15.33
N TYR A 276 13.30 4.82 -16.01
CA TYR A 276 13.69 5.23 -17.35
C TYR A 276 13.56 4.04 -18.30
N ARG A 277 12.99 4.29 -19.47
CA ARG A 277 12.89 3.29 -20.53
C ARG A 277 13.47 3.87 -21.84
N GLY A 278 14.56 3.29 -22.33
CA GLY A 278 15.17 3.74 -23.56
C GLY A 278 16.17 4.86 -23.31
N TYR A 279 16.12 5.40 -22.10
CA TYR A 279 17.09 6.39 -21.62
C TYR A 279 17.82 5.84 -20.42
N GLN A 280 18.88 6.54 -20.03
CA GLN A 280 19.47 6.33 -18.72
C GLN A 280 19.51 7.65 -17.97
N GLU A 281 19.53 7.59 -16.65
CA GLU A 281 19.61 8.80 -15.84
C GLU A 281 20.71 9.75 -16.31
N SER A 282 21.79 9.19 -16.87
CA SER A 282 22.96 9.99 -17.24
C SER A 282 22.75 10.75 -18.57
N ASP A 283 21.84 10.28 -19.41
CA ASP A 283 21.54 10.91 -20.71
C ASP A 283 21.22 12.39 -20.66
N GLU A 284 21.75 13.12 -21.63
CA GLU A 284 21.63 14.57 -21.69
C GLU A 284 20.18 15.07 -21.54
N VAL A 285 19.27 14.41 -22.25
CA VAL A 285 17.86 14.80 -22.25
C VAL A 285 17.21 14.57 -20.89
N ILE A 286 17.62 13.51 -20.21
CA ILE A 286 17.12 13.26 -18.87
C ILE A 286 17.65 14.35 -17.91
N GLN A 287 18.91 14.74 -18.07
CA GLN A 287 19.47 15.83 -17.27
C GLN A 287 18.79 17.17 -17.57
N TRP A 288 18.49 17.43 -18.83
CA TRP A 288 17.75 18.65 -19.19
C TRP A 288 16.36 18.65 -18.54
N PHE A 289 15.71 17.48 -18.56
CA PHE A 289 14.42 17.31 -17.93
C PHE A 289 14.46 17.70 -16.46
N TRP A 290 15.46 17.22 -15.72
CA TRP A 290 15.52 17.53 -14.28
C TRP A 290 16.01 18.95 -14.03
N LYS A 291 16.82 19.47 -14.95
CA LYS A 291 17.18 20.88 -14.90
C LYS A 291 15.90 21.73 -15.00
N CYS A 292 15.07 21.40 -15.98
CA CYS A 292 13.85 22.15 -16.21
C CYS A 292 12.94 22.06 -14.99
N VAL A 293 12.82 20.86 -14.43
CA VAL A 293 11.91 20.66 -13.30
C VAL A 293 12.40 21.37 -12.03
N SER A 294 13.70 21.31 -11.78
CA SER A 294 14.32 21.96 -10.62
C SER A 294 14.17 23.48 -10.63
N GLU A 295 14.37 24.09 -11.81
CA GLU A 295 14.31 25.54 -11.93
C GLU A 295 12.89 26.05 -11.90
N TRP A 296 11.92 25.17 -12.15
CA TRP A 296 10.50 25.50 -12.05
C TRP A 296 10.06 25.76 -10.61
N ASP A 297 8.93 26.44 -10.41
CA ASP A 297 8.44 26.61 -9.04
C ASP A 297 7.42 25.53 -8.65
N ASN A 298 6.77 25.69 -7.51
CA ASN A 298 5.96 24.62 -6.96
C ASN A 298 4.70 24.42 -7.78
N GLU A 299 4.10 25.53 -8.22
CA GLU A 299 2.93 25.47 -9.07
C GLU A 299 3.25 24.81 -10.41
N GLN A 300 4.41 25.15 -10.98
CA GLN A 300 4.83 24.60 -12.26
C GLN A 300 5.08 23.09 -12.17
N ARG A 301 5.60 22.63 -11.04
CA ARG A 301 5.84 21.19 -10.85
C ARG A 301 4.52 20.45 -10.62
N ALA A 302 3.63 21.07 -9.85
CA ALA A 302 2.31 20.51 -9.63
C ALA A 302 1.59 20.32 -10.96
N ARG A 303 1.81 21.25 -11.89
CA ARG A 303 1.20 21.19 -13.21
C ARG A 303 1.78 20.07 -14.09
N LEU A 304 3.07 19.80 -13.91
CA LEU A 304 3.71 18.67 -14.59
C LEU A 304 3.13 17.37 -14.05
N LEU A 305 2.84 17.36 -12.76
CA LEU A 305 2.28 16.18 -12.11
C LEU A 305 0.85 15.95 -12.55
N GLN A 306 0.06 17.02 -12.70
CA GLN A 306 -1.32 16.93 -13.21
C GLN A 306 -1.29 16.37 -14.62
N PHE A 307 -0.31 16.83 -15.41
CA PHE A 307 -0.15 16.35 -16.79
C PHE A 307 0.20 14.86 -16.89
N THR A 308 1.13 14.42 -16.05
CA THR A 308 1.67 13.07 -16.12
C THR A 308 0.76 12.02 -15.49
N THR A 309 0.18 12.36 -14.33
CA THR A 309 -0.53 11.38 -13.50
C THR A 309 -2.02 11.61 -13.33
N GLY A 310 -2.49 12.79 -13.75
CA GLY A 310 -3.89 13.13 -13.54
C GLY A 310 -4.10 14.02 -12.33
N THR A 311 -3.08 14.14 -11.47
CA THR A 311 -3.25 14.88 -10.22
C THR A 311 -1.93 15.42 -9.64
N SER A 312 -2.04 16.49 -8.86
CA SER A 312 -0.86 17.11 -8.26
C SER A 312 -0.63 16.49 -6.88
N ARG A 313 -1.61 15.69 -6.49
CA ARG A 313 -1.65 14.96 -5.22
C ARG A 313 -0.51 13.93 -5.12
N ILE A 314 0.33 14.11 -4.09
CA ILE A 314 1.44 13.22 -3.76
C ILE A 314 1.09 12.31 -2.57
N PRO A 315 1.31 10.98 -2.73
CA PRO A 315 0.94 9.98 -1.71
C PRO A 315 1.69 10.22 -0.41
N VAL A 316 1.16 9.75 0.71
CA VAL A 316 1.72 10.08 2.03
C VAL A 316 3.19 9.68 2.18
N ASN A 317 3.58 8.53 1.63
CA ASN A 317 4.94 8.03 1.82
C ASN A 317 5.83 8.32 0.64
N GLY A 318 5.38 9.23 -0.22
CA GLY A 318 6.21 9.75 -1.30
C GLY A 318 6.00 9.08 -2.63
N PHE A 319 6.90 9.41 -3.57
CA PHE A 319 6.81 8.97 -4.96
C PHE A 319 6.95 7.47 -5.18
N LYS A 320 7.41 6.74 -4.17
CA LYS A 320 7.51 5.30 -4.20
C LYS A 320 6.12 4.63 -4.30
N ASP A 321 5.09 5.31 -3.81
CA ASP A 321 3.75 4.74 -3.77
C ASP A 321 2.82 5.31 -4.85
N LEU A 322 3.39 5.92 -5.89
CA LEU A 322 2.61 6.42 -7.00
C LEU A 322 1.76 5.27 -7.59
N GLN A 323 0.46 5.52 -7.84
CA GLN A 323 -0.45 4.49 -8.37
C GLN A 323 -0.92 4.73 -9.80
N GLY A 324 -1.17 3.63 -10.50
CA GLY A 324 -1.71 3.65 -11.86
C GLY A 324 -3.01 2.87 -11.95
N SER A 325 -3.53 2.67 -13.17
CA SER A 325 -4.82 1.99 -13.28
C SER A 325 -4.75 0.53 -12.87
N ASP A 326 -3.57 -0.07 -12.98
CA ASP A 326 -3.47 -1.51 -12.70
C ASP A 326 -2.66 -1.83 -11.44
N GLY A 327 -2.47 -0.83 -10.58
CA GLY A 327 -1.69 -0.98 -9.36
C GLY A 327 -0.57 0.06 -9.30
N PRO A 328 0.43 -0.17 -8.41
CA PRO A 328 1.61 0.71 -8.29
C PRO A 328 2.29 0.96 -9.62
N ARG A 329 2.52 2.23 -9.94
CA ARG A 329 3.20 2.63 -11.17
C ARG A 329 4.11 3.84 -10.90
N ARG A 330 5.42 3.61 -10.96
CA ARG A 330 6.39 4.68 -10.78
C ARG A 330 6.35 5.72 -11.88
N PHE A 331 6.66 6.96 -11.53
CA PHE A 331 6.90 7.98 -12.56
C PHE A 331 7.92 7.42 -13.55
N THR A 332 7.60 7.52 -14.84
CA THR A 332 8.41 6.89 -15.85
C THR A 332 8.61 7.81 -17.03
N ILE A 333 9.85 7.89 -17.49
CA ILE A 333 10.19 8.65 -18.69
C ILE A 333 10.68 7.68 -19.78
N GLU A 334 10.04 7.74 -20.94
CA GLU A 334 10.40 6.87 -22.05
C GLU A 334 10.78 7.67 -23.30
N LYS A 335 11.86 7.22 -23.95
CA LYS A 335 12.22 7.74 -25.26
C LYS A 335 11.23 7.22 -26.28
N ALA A 336 10.36 8.10 -26.75
CA ALA A 336 9.36 7.72 -27.74
C ALA A 336 8.87 8.98 -28.43
N GLY A 337 8.53 8.84 -29.72
CA GLY A 337 8.05 9.95 -30.51
C GLY A 337 9.18 10.66 -31.21
N GLU A 338 8.84 11.54 -32.15
CA GLU A 338 9.84 12.26 -32.95
C GLU A 338 10.03 13.68 -32.46
N VAL A 339 11.13 14.29 -32.85
CA VAL A 339 11.51 15.62 -32.36
C VAL A 339 10.52 16.70 -32.81
N GLN A 340 9.70 16.37 -33.82
CA GLN A 340 8.62 17.26 -34.23
C GLN A 340 7.53 17.35 -33.15
N GLN A 341 7.22 16.23 -32.52
CA GLN A 341 6.06 16.14 -31.64
C GLN A 341 6.30 16.68 -30.23
N LEU A 342 5.22 16.95 -29.52
CA LEU A 342 5.25 17.35 -28.12
C LEU A 342 5.42 16.11 -27.22
N PRO A 343 5.89 16.29 -25.97
CA PRO A 343 5.86 15.11 -25.10
C PRO A 343 4.42 14.64 -24.89
N LYS A 344 4.23 13.34 -24.74
CA LYS A 344 2.90 12.76 -24.56
C LYS A 344 2.81 11.93 -23.26
N SER A 345 1.72 12.12 -22.51
CA SER A 345 1.54 11.46 -21.24
C SER A 345 0.56 10.28 -21.31
N HIS A 346 0.66 9.39 -20.32
CA HIS A 346 -0.24 8.24 -20.13
C HIS A 346 -0.58 8.13 -18.63
N THR A 347 -1.69 8.74 -18.24
CA THR A 347 -1.98 8.91 -16.82
C THR A 347 -2.31 7.60 -16.13
N CYS A 348 -2.72 6.59 -16.91
CA CYS A 348 -2.88 5.26 -16.34
C CYS A 348 -1.56 4.64 -15.88
N PHE A 349 -0.44 5.11 -16.42
CA PHE A 349 0.85 4.47 -16.09
C PHE A 349 1.86 5.46 -15.54
N ASN A 350 1.44 6.69 -15.28
CA ASN A 350 2.37 7.73 -14.86
C ASN A 350 3.62 7.79 -15.75
N ARG A 351 3.41 7.71 -17.06
CA ARG A 351 4.51 7.62 -18.02
C ARG A 351 4.53 8.80 -19.00
N VAL A 352 5.65 9.52 -19.09
CA VAL A 352 5.76 10.57 -20.10
C VAL A 352 6.62 10.06 -21.25
N ASP A 353 6.07 10.16 -22.47
CA ASP A 353 6.83 9.87 -23.67
C ASP A 353 7.57 11.13 -24.07
N LEU A 354 8.90 11.08 -23.97
CA LEU A 354 9.75 12.23 -24.21
C LEU A 354 10.69 11.97 -25.37
N PRO A 355 10.44 12.57 -26.54
CA PRO A 355 11.36 12.42 -27.68
C PRO A 355 12.72 13.06 -27.38
N GLN A 356 13.80 12.63 -28.03
CA GLN A 356 15.15 13.06 -27.68
C GLN A 356 15.52 14.39 -28.34
N TYR A 357 14.98 15.48 -27.80
CA TYR A 357 15.27 16.82 -28.29
C TYR A 357 16.77 17.15 -28.16
N VAL A 358 17.31 17.89 -29.13
CA VAL A 358 18.76 18.08 -29.17
C VAL A 358 19.29 19.37 -28.51
N ASP A 359 18.41 20.23 -28.04
CA ASP A 359 18.85 21.37 -27.24
C ASP A 359 17.87 21.66 -26.12
N TYR A 360 18.35 22.32 -25.08
CA TYR A 360 17.59 22.47 -23.85
C TYR A 360 16.33 23.32 -24.08
N ASP A 361 16.48 24.45 -24.78
CA ASP A 361 15.40 25.42 -24.90
C ASP A 361 14.20 24.87 -25.65
N SER A 362 14.41 24.00 -26.62
CA SER A 362 13.26 23.48 -27.34
C SER A 362 12.58 22.47 -26.43
N MET A 363 13.36 21.76 -25.60
CA MET A 363 12.75 20.80 -24.68
C MET A 363 11.87 21.45 -23.63
N LYS A 364 12.40 22.50 -22.99
CA LYS A 364 11.66 23.23 -21.97
C LYS A 364 10.37 23.77 -22.59
N GLN A 365 10.48 24.22 -23.82
CA GLN A 365 9.35 24.83 -24.48
C GLN A 365 8.34 23.76 -24.95
N LYS A 366 8.83 22.65 -25.49
CA LYS A 366 7.94 21.53 -25.84
C LYS A 366 7.17 21.05 -24.63
N LEU A 367 7.89 20.83 -23.54
CA LEU A 367 7.30 20.31 -22.31
C LEU A 367 6.35 21.33 -21.69
N THR A 368 6.62 22.62 -21.87
CA THR A 368 5.75 23.64 -21.30
C THR A 368 4.43 23.67 -22.08
N LEU A 369 4.51 23.62 -23.40
CA LEU A 369 3.32 23.55 -24.22
C LEU A 369 2.49 22.30 -23.92
N ALA A 370 3.15 21.18 -23.70
CA ALA A 370 2.46 19.91 -23.46
C ALA A 370 1.70 19.94 -22.15
N VAL A 371 2.36 20.43 -21.12
CA VAL A 371 1.74 20.56 -19.81
C VAL A 371 0.62 21.60 -19.82
N GLU A 372 0.78 22.70 -20.55
CA GLU A 372 -0.22 23.77 -20.48
C GLU A 372 -1.46 23.52 -21.36
N GLU A 373 -1.38 22.53 -22.22
CA GLU A 373 -2.44 22.21 -23.19
C GLU A 373 -3.66 21.57 -22.54
N THR A 374 -4.84 22.14 -22.83
CA THR A 374 -6.10 21.67 -22.26
C THR A 374 -7.06 21.20 -23.35
N ARG B 4 9.62 -33.76 -6.60
CA ARG B 4 9.53 -35.12 -6.09
C ARG B 4 10.44 -35.36 -4.88
N ASP B 5 11.66 -34.82 -4.92
CA ASP B 5 12.55 -34.94 -3.78
C ASP B 5 11.91 -34.31 -2.55
N PHE B 6 11.36 -33.11 -2.73
CA PHE B 6 10.75 -32.42 -1.60
C PHE B 6 9.53 -33.18 -1.07
N ARG B 7 8.75 -33.78 -1.96
CA ARG B 7 7.59 -34.57 -1.55
C ARG B 7 8.00 -35.82 -0.74
N ARG B 8 9.09 -36.47 -1.14
CA ARG B 8 9.53 -37.66 -0.40
C ARG B 8 9.99 -37.27 1.01
N LYS B 9 10.73 -36.17 1.07
CA LYS B 9 11.18 -35.62 2.33
C LYS B 9 10.04 -35.24 3.26
N VAL B 10 8.96 -34.67 2.72
CA VAL B 10 7.85 -34.28 3.58
C VAL B 10 7.21 -35.53 4.14
N ILE B 11 7.06 -36.54 3.29
CA ILE B 11 6.51 -37.82 3.74
C ILE B 11 7.41 -38.49 4.79
N TYR B 12 8.71 -38.56 4.52
CA TYR B 12 9.65 -39.03 5.57
C TYR B 12 9.44 -38.23 6.86
N PHE B 13 9.51 -36.91 6.75
CA PHE B 13 9.39 -36.01 7.91
C PHE B 13 8.10 -36.28 8.67
N ARG B 14 6.99 -36.28 7.94
CA ARG B 14 5.66 -36.39 8.55
C ARG B 14 5.36 -37.78 9.13
N SER B 15 6.12 -38.80 8.76
CA SER B 15 5.88 -40.09 9.40
C SER B 15 6.99 -40.51 10.34
N GLN B 16 7.66 -39.56 10.98
CA GLN B 16 8.58 -39.85 12.08
C GLN B 16 7.84 -39.78 13.41
N PRO B 17 8.35 -40.50 14.44
CA PRO B 17 7.59 -40.69 15.69
C PRO B 17 7.44 -39.44 16.53
N ALA B 18 8.44 -38.55 16.50
CA ALA B 18 8.38 -37.32 17.26
C ALA B 18 7.23 -36.41 16.80
N LEU B 19 6.78 -36.57 15.56
CA LEU B 19 5.77 -35.72 14.99
C LEU B 19 4.34 -36.20 15.24
N ARG B 20 4.18 -37.26 16.03
CA ARG B 20 2.87 -37.83 16.28
C ARG B 20 2.02 -37.02 17.26
N ILE B 21 0.73 -36.88 16.94
CA ILE B 21 -0.19 -36.13 17.79
C ILE B 21 -0.40 -36.86 19.11
N LEU B 22 -0.15 -36.19 20.24
CA LEU B 22 -0.28 -36.85 21.52
C LEU B 22 -1.75 -36.84 21.96
N PRO B 23 -2.19 -37.89 22.69
CA PRO B 23 -3.57 -38.02 23.21
C PRO B 23 -3.93 -36.88 24.15
N GLY B 24 -5.21 -36.50 24.17
CA GLY B 24 -5.65 -35.40 25.00
C GLY B 24 -5.80 -34.20 24.10
N GLN B 25 -6.11 -33.03 24.63
CA GLN B 25 -6.22 -31.88 23.72
C GLN B 25 -5.61 -30.63 24.34
N CYS B 26 -5.08 -29.78 23.49
CA CYS B 26 -4.47 -28.53 23.91
C CYS B 26 -5.46 -27.39 23.66
N HIS B 27 -5.76 -26.63 24.70
CA HIS B 27 -6.71 -25.54 24.58
C HIS B 27 -5.98 -24.21 24.57
N ILE B 28 -6.24 -23.40 23.55
CA ILE B 28 -5.76 -22.03 23.52
C ILE B 28 -6.93 -21.09 23.30
N LYS B 29 -7.12 -20.14 24.20
CA LYS B 29 -8.23 -19.21 24.09
C LYS B 29 -7.72 -17.78 24.10
N VAL B 30 -8.00 -17.04 23.04
CA VAL B 30 -7.39 -15.73 22.85
C VAL B 30 -8.41 -14.71 22.39
N ARG B 31 -8.25 -13.47 22.86
CA ARG B 31 -9.08 -12.37 22.36
C ARG B 31 -8.47 -11.85 21.08
N ARG B 32 -9.30 -11.76 20.05
CA ARG B 32 -8.86 -11.28 18.75
C ARG B 32 -8.12 -9.94 18.83
N LYS B 33 -8.59 -9.06 19.72
CA LYS B 33 -8.01 -7.72 19.84
C LYS B 33 -6.69 -7.75 20.63
N ASN B 34 -6.49 -8.79 21.44
CA ASN B 34 -5.27 -8.95 22.21
C ASN B 34 -4.48 -10.22 21.83
N ILE B 35 -4.51 -10.60 20.56
CA ILE B 35 -4.07 -11.94 20.21
C ILE B 35 -2.60 -12.19 20.57
N PHE B 36 -1.73 -11.20 20.39
CA PHE B 36 -0.32 -11.40 20.70
C PHE B 36 -0.12 -11.63 22.21
N GLU B 37 -0.68 -10.77 23.04
CA GLU B 37 -0.46 -10.96 24.48
C GLU B 37 -1.19 -12.19 25.03
N ASP B 38 -2.39 -12.47 24.53
CA ASP B 38 -3.14 -13.65 24.97
C ASP B 38 -2.46 -14.95 24.54
N ALA B 39 -2.06 -15.04 23.28
CA ALA B 39 -1.36 -16.22 22.77
C ALA B 39 -0.05 -16.43 23.52
N TYR B 40 0.60 -15.34 23.92
CA TYR B 40 1.81 -15.44 24.72
C TYR B 40 1.52 -16.14 26.04
N GLN B 41 0.56 -15.61 26.78
CA GLN B 41 0.12 -16.23 28.03
C GLN B 41 -0.33 -17.67 27.81
N GLU B 42 -1.29 -17.87 26.92
CA GLU B 42 -1.83 -19.22 26.64
C GLU B 42 -0.78 -20.29 26.27
N ILE B 43 0.22 -19.91 25.51
CA ILE B 43 1.17 -20.89 24.97
C ILE B 43 2.40 -21.07 25.85
N MET B 44 2.86 -20.01 26.52
CA MET B 44 4.08 -20.14 27.32
C MET B 44 3.83 -20.81 28.69
N ARG B 45 2.55 -20.92 29.09
CA ARG B 45 2.20 -21.60 30.35
C ARG B 45 1.93 -23.09 30.13
N GLN B 46 2.35 -23.64 29.00
CA GLN B 46 2.13 -25.04 28.71
C GLN B 46 3.43 -25.74 28.33
N THR B 47 3.48 -27.04 28.60
CA THR B 47 4.65 -27.86 28.29
C THR B 47 4.65 -28.23 26.81
N PRO B 48 5.84 -28.56 26.27
CA PRO B 48 5.93 -29.02 24.87
C PRO B 48 5.05 -30.24 24.57
N GLU B 49 4.68 -31.00 25.59
CA GLU B 49 3.85 -32.18 25.37
C GLU B 49 2.35 -31.85 25.41
N ASP B 50 1.97 -30.86 26.23
CA ASP B 50 0.62 -30.31 26.14
C ASP B 50 0.37 -29.78 24.74
N LEU B 51 1.35 -29.07 24.21
CA LEU B 51 1.25 -28.42 22.90
C LEU B 51 1.24 -29.41 21.73
N LYS B 52 1.61 -30.66 22.00
CA LYS B 52 1.59 -31.69 20.95
C LYS B 52 0.27 -32.47 20.91
N LYS B 53 -0.63 -32.18 21.85
CA LYS B 53 -1.99 -32.71 21.83
C LYS B 53 -2.82 -31.92 20.80
N ARG B 54 -3.90 -32.50 20.31
CA ARG B 54 -4.72 -31.84 19.29
C ARG B 54 -5.11 -30.43 19.72
N LEU B 55 -4.98 -29.48 18.80
CA LEU B 55 -5.15 -28.06 19.12
C LEU B 55 -6.61 -27.64 19.15
N MET B 56 -7.04 -27.06 20.27
CA MET B 56 -8.40 -26.52 20.38
C MET B 56 -8.38 -25.02 20.57
N ILE B 57 -8.30 -24.30 19.47
CA ILE B 57 -8.24 -22.85 19.51
C ILE B 57 -9.64 -22.24 19.37
N LYS B 58 -10.00 -21.35 20.30
CA LYS B 58 -11.18 -20.53 20.12
C LYS B 58 -10.85 -19.07 20.39
N PHE B 59 -11.54 -18.18 19.68
CA PHE B 59 -11.49 -16.74 19.93
C PHE B 59 -12.53 -16.29 20.98
N ASP B 60 -12.06 -15.67 22.05
CA ASP B 60 -12.91 -15.23 23.15
C ASP B 60 -13.84 -14.13 22.67
N GLY B 61 -15.10 -14.17 23.09
CA GLY B 61 -16.11 -13.32 22.49
C GLY B 61 -16.50 -14.05 21.23
N GLU B 62 -16.73 -13.31 20.15
CA GLU B 62 -16.98 -13.85 18.78
C GLU B 62 -18.41 -14.12 18.45
N GLU B 63 -18.58 -14.60 17.21
CA GLU B 63 -19.88 -15.07 16.70
C GLU B 63 -19.84 -16.55 16.26
N GLY B 64 -20.13 -16.84 14.99
CA GLY B 64 -20.27 -18.25 14.56
C GLY B 64 -19.13 -18.82 13.71
N LEU B 65 -18.37 -19.78 14.25
CA LEU B 65 -17.19 -20.33 13.54
C LEU B 65 -17.13 -21.88 13.55
N ASP B 66 -15.96 -22.44 13.18
CA ASP B 66 -15.55 -23.81 13.56
C ASP B 66 -14.09 -24.13 13.19
N TYR B 67 -13.58 -25.23 13.75
CA TYR B 67 -12.13 -25.46 13.94
C TYR B 67 -11.19 -25.31 12.73
N GLY B 68 -11.60 -25.80 11.56
CA GLY B 68 -10.77 -25.70 10.37
C GLY B 68 -10.47 -24.25 10.10
N GLY B 69 -11.48 -23.41 10.28
CA GLY B 69 -11.34 -21.98 10.15
C GLY B 69 -10.49 -21.36 11.25
N VAL B 70 -10.91 -21.53 12.51
CA VAL B 70 -10.30 -20.80 13.64
C VAL B 70 -8.80 -21.08 13.79
N SER B 71 -8.40 -22.34 13.64
CA SER B 71 -7.00 -22.71 13.65
C SER B 71 -6.20 -21.98 12.57
N ARG B 72 -6.60 -22.17 11.32
CA ARG B 72 -6.00 -21.50 10.18
C ARG B 72 -5.94 -19.97 10.34
N GLU B 73 -7.03 -19.38 10.83
CA GLU B 73 -7.11 -17.95 11.04
C GLU B 73 -6.18 -17.48 12.16
N PHE B 74 -6.19 -18.21 13.27
CA PHE B 74 -5.36 -17.93 14.44
C PHE B 74 -3.88 -17.71 14.05
N PHE B 75 -3.30 -18.68 13.34
CA PHE B 75 -1.91 -18.61 12.94
C PHE B 75 -1.59 -17.43 12.01
N PHE B 76 -2.48 -17.13 11.07
CA PHE B 76 -2.23 -15.99 10.19
C PHE B 76 -2.34 -14.68 10.96
N LEU B 77 -3.33 -14.58 11.85
CA LEU B 77 -3.47 -13.38 12.66
C LEU B 77 -2.33 -13.23 13.67
N LEU B 78 -1.99 -14.30 14.39
CA LEU B 78 -0.91 -14.24 15.40
C LEU B 78 0.42 -13.90 14.76
N SER B 79 0.67 -14.38 13.55
CA SER B 79 1.98 -14.13 12.98
C SER B 79 2.11 -12.73 12.34
N HIS B 80 0.99 -12.08 12.01
CA HIS B 80 1.07 -10.68 11.59
C HIS B 80 1.40 -9.76 12.77
N GLU B 81 1.02 -10.18 13.97
CA GLU B 81 1.42 -9.48 15.18
C GLU B 81 2.89 -9.78 15.65
N MET B 82 3.23 -11.05 15.85
CA MET B 82 4.61 -11.48 16.18
C MET B 82 5.71 -10.82 15.35
N PHE B 83 5.43 -10.72 14.06
CA PHE B 83 6.39 -10.31 13.06
C PHE B 83 6.23 -8.84 12.65
N ASN B 84 5.34 -8.14 13.34
CA ASN B 84 5.17 -6.70 13.15
C ASN B 84 6.40 -5.92 13.61
N PRO B 85 7.13 -5.32 12.67
CA PRO B 85 8.40 -4.66 13.00
C PRO B 85 8.28 -3.61 14.10
N PHE B 86 7.07 -3.11 14.36
CA PHE B 86 6.88 -2.11 15.40
C PHE B 86 7.37 -2.62 16.75
N TYR B 87 7.27 -3.94 16.98
CA TYR B 87 7.72 -4.53 18.24
C TYR B 87 9.22 -4.84 18.29
N CYS B 88 9.91 -4.67 17.16
CA CYS B 88 11.38 -4.83 17.06
C CYS B 88 11.97 -6.20 17.43
N LEU B 89 11.15 -7.25 17.48
CA LEU B 89 11.66 -8.61 17.51
C LEU B 89 12.17 -9.00 16.11
N PHE B 90 11.30 -8.84 15.13
CA PHE B 90 11.69 -9.00 13.74
C PHE B 90 11.59 -7.68 13.01
N GLU B 91 12.28 -7.58 11.88
CA GLU B 91 12.18 -6.38 11.03
C GLU B 91 12.04 -6.83 9.59
N TYR B 92 11.80 -5.90 8.68
CA TYR B 92 11.69 -6.25 7.28
C TYR B 92 13.04 -6.66 6.70
N SER B 93 12.96 -7.48 5.66
CA SER B 93 14.09 -7.78 4.81
C SER B 93 14.58 -6.53 4.11
N ALA B 94 15.77 -6.59 3.52
CA ALA B 94 16.29 -5.46 2.78
C ALA B 94 15.59 -5.31 1.41
N TYR B 95 14.97 -6.38 0.92
CA TYR B 95 14.51 -6.40 -0.47
C TYR B 95 12.97 -6.29 -0.64
N ASP B 96 12.25 -6.11 0.47
CA ASP B 96 10.79 -5.98 0.44
C ASP B 96 10.27 -5.51 1.79
N ASN B 97 8.94 -5.42 1.90
CA ASN B 97 8.30 -5.07 3.17
C ASN B 97 7.32 -6.15 3.64
N TYR B 98 7.56 -7.39 3.22
CA TYR B 98 6.69 -8.48 3.68
C TYR B 98 7.44 -9.74 4.17
N THR B 99 8.70 -9.95 3.79
CA THR B 99 9.49 -10.99 4.44
C THR B 99 10.36 -10.35 5.53
N ILE B 100 10.87 -11.16 6.44
CA ILE B 100 11.45 -10.69 7.71
C ILE B 100 12.77 -11.35 8.17
N GLN B 101 13.42 -10.69 9.11
CA GLN B 101 14.65 -11.13 9.76
C GLN B 101 14.62 -10.65 11.21
N ILE B 102 15.51 -11.20 12.03
CA ILE B 102 15.60 -10.80 13.42
C ILE B 102 16.14 -9.38 13.52
N ASN B 103 15.51 -8.57 14.37
CA ASN B 103 16.00 -7.23 14.64
C ASN B 103 17.11 -7.25 15.71
N PRO B 104 18.36 -6.91 15.33
CA PRO B 104 19.48 -6.95 16.29
C PRO B 104 19.35 -6.00 17.48
N ASN B 105 18.49 -4.99 17.37
CA ASN B 105 18.29 -4.02 18.44
C ASN B 105 17.08 -4.31 19.32
N SER B 106 16.59 -5.55 19.21
CA SER B 106 15.39 -6.01 19.91
C SER B 106 15.43 -5.82 21.43
N GLY B 107 16.63 -5.84 22.00
CA GLY B 107 16.84 -5.61 23.41
C GLY B 107 16.21 -4.39 24.04
N ILE B 108 15.80 -3.45 23.19
CA ILE B 108 15.08 -2.29 23.64
C ILE B 108 13.84 -2.69 24.47
N ASN B 109 13.26 -3.86 24.18
CA ASN B 109 12.28 -4.45 25.09
C ASN B 109 12.95 -5.56 25.89
N PRO B 110 13.21 -5.32 27.18
CA PRO B 110 14.11 -6.15 27.98
C PRO B 110 13.65 -7.60 28.02
N GLU B 111 12.36 -7.79 27.76
CA GLU B 111 11.79 -9.13 27.79
C GLU B 111 12.05 -9.92 26.50
N HIS B 112 12.78 -9.34 25.54
CA HIS B 112 12.76 -9.94 24.21
C HIS B 112 13.02 -11.46 24.14
N LEU B 113 14.01 -11.97 24.87
CA LEU B 113 14.43 -13.36 24.67
C LEU B 113 13.28 -14.34 24.89
N ASN B 114 12.44 -14.09 25.88
CA ASN B 114 11.36 -15.05 26.12
C ASN B 114 10.28 -14.94 25.05
N TYR B 115 10.24 -13.79 24.38
CA TYR B 115 9.30 -13.60 23.30
C TYR B 115 9.81 -14.24 22.00
N PHE B 116 11.13 -14.24 21.80
CA PHE B 116 11.73 -15.01 20.71
C PHE B 116 11.49 -16.51 20.91
N LYS B 117 11.50 -16.95 22.16
CA LYS B 117 11.22 -18.34 22.43
C LYS B 117 9.74 -18.63 22.14
N PHE B 118 8.89 -17.64 22.36
CA PHE B 118 7.46 -17.78 22.09
C PHE B 118 7.21 -17.91 20.60
N ILE B 119 7.82 -17.02 19.81
CA ILE B 119 7.70 -17.05 18.35
C ILE B 119 8.24 -18.35 17.77
N GLY B 120 9.39 -18.80 18.30
CA GLY B 120 9.94 -20.10 17.96
C GLY B 120 8.97 -21.23 18.23
N ARG B 121 8.28 -21.16 19.37
CA ARG B 121 7.26 -22.15 19.70
C ARG B 121 6.10 -22.13 18.72
N VAL B 122 5.72 -20.94 18.28
CA VAL B 122 4.52 -20.81 17.46
C VAL B 122 4.79 -21.30 16.06
N VAL B 123 5.96 -20.93 15.50
CA VAL B 123 6.37 -21.47 14.22
C VAL B 123 6.48 -23.02 14.30
N GLY B 124 7.07 -23.53 15.38
CA GLY B 124 7.19 -24.96 15.56
C GLY B 124 5.83 -25.63 15.72
N LEU B 125 4.93 -24.93 16.40
CA LEU B 125 3.54 -25.33 16.60
C LEU B 125 2.76 -25.40 15.28
N GLY B 126 3.04 -24.47 14.37
CA GLY B 126 2.40 -24.49 13.06
C GLY B 126 2.83 -25.73 12.33
N VAL B 127 4.13 -25.88 12.12
CA VAL B 127 4.67 -27.05 11.44
C VAL B 127 4.19 -28.37 12.08
N PHE B 128 4.18 -28.45 13.39
CA PHE B 128 3.77 -29.70 14.04
C PHE B 128 2.31 -30.07 13.72
N HIS B 129 1.43 -29.09 13.77
CA HIS B 129 0.01 -29.35 13.58
C HIS B 129 -0.50 -29.08 12.15
N ARG B 130 0.42 -29.03 11.19
CA ARG B 130 0.09 -28.87 9.76
C ARG B 130 -0.68 -27.58 9.47
N ARG B 131 -0.30 -26.51 10.15
CA ARG B 131 -0.85 -25.19 9.86
C ARG B 131 0.23 -24.25 9.31
N PHE B 132 0.07 -23.83 8.07
CA PHE B 132 1.00 -22.88 7.47
C PHE B 132 0.95 -21.51 8.14
N LEU B 133 2.10 -20.83 8.19
CA LEU B 133 2.18 -19.48 8.75
C LEU B 133 2.54 -18.44 7.68
N ASP B 134 2.23 -17.17 7.93
CA ASP B 134 2.74 -16.10 7.11
C ASP B 134 4.08 -15.67 7.72
N ALA B 135 5.07 -16.55 7.60
CA ALA B 135 6.36 -16.36 8.25
C ALA B 135 7.48 -16.62 7.26
N PHE B 136 7.63 -15.72 6.30
CA PHE B 136 8.67 -15.92 5.29
C PHE B 136 9.94 -15.16 5.70
N PHE B 137 11.05 -15.91 5.72
CA PHE B 137 12.32 -15.39 6.23
C PHE B 137 13.31 -15.11 5.11
N VAL B 138 14.22 -14.17 5.35
CA VAL B 138 15.40 -14.02 4.51
C VAL B 138 16.24 -15.31 4.51
N GLY B 139 16.94 -15.56 3.40
CA GLY B 139 17.72 -16.77 3.22
C GLY B 139 18.65 -17.11 4.37
N ALA B 140 19.28 -16.07 4.93
CA ALA B 140 20.26 -16.22 6.00
C ALA B 140 19.67 -16.95 7.18
N LEU B 141 18.38 -16.73 7.38
CA LEU B 141 17.74 -17.23 8.58
C LEU B 141 17.40 -18.72 8.46
N TYR B 142 16.95 -19.18 7.29
CA TYR B 142 16.64 -20.60 7.14
C TYR B 142 17.96 -21.36 7.19
N LYS B 143 19.02 -20.72 6.70
CA LYS B 143 20.32 -21.35 6.69
C LYS B 143 20.81 -21.57 8.12
N MET B 144 20.62 -20.56 8.97
CA MET B 144 21.04 -20.66 10.36
C MET B 144 20.17 -21.67 11.10
N MET B 145 18.90 -21.74 10.70
CA MET B 145 17.95 -22.70 11.27
C MET B 145 18.41 -24.14 11.02
N LEU B 146 19.11 -24.35 9.91
CA LEU B 146 19.52 -25.67 9.48
C LEU B 146 21.00 -25.92 9.78
N ARG B 147 21.60 -25.05 10.60
CA ARG B 147 23.02 -25.10 10.95
C ARG B 147 23.94 -25.05 9.73
N LYS B 148 23.55 -24.29 8.70
CA LYS B 148 24.40 -24.13 7.50
C LYS B 148 25.18 -22.82 7.56
N LYS B 149 26.23 -22.73 6.75
CA LYS B 149 27.07 -21.54 6.70
C LYS B 149 26.37 -20.40 5.94
N VAL B 150 26.62 -19.16 6.34
CA VAL B 150 26.13 -18.03 5.55
C VAL B 150 27.31 -17.37 4.83
N VAL B 151 27.03 -16.93 3.61
CA VAL B 151 28.03 -16.33 2.75
C VAL B 151 27.61 -14.91 2.38
N LEU B 152 28.47 -14.18 1.68
CA LEU B 152 28.20 -12.78 1.37
C LEU B 152 26.89 -12.60 0.61
N GLN B 153 26.57 -13.54 -0.26
CA GLN B 153 25.37 -13.42 -1.08
C GLN B 153 24.15 -13.33 -0.17
N ASP B 154 24.22 -13.97 0.99
CA ASP B 154 23.15 -13.88 1.97
C ASP B 154 22.98 -12.48 2.60
N MET B 155 23.92 -11.57 2.37
CA MET B 155 23.79 -10.25 2.96
C MET B 155 22.77 -9.38 2.24
N GLU B 156 22.59 -9.64 0.94
CA GLU B 156 21.68 -8.87 0.10
C GLU B 156 20.30 -8.80 0.74
N GLY B 157 19.81 -9.91 1.28
CA GLY B 157 18.50 -9.93 1.91
C GLY B 157 18.48 -9.32 3.30
N VAL B 158 19.65 -9.26 3.91
CA VAL B 158 19.79 -8.75 5.27
C VAL B 158 19.98 -7.23 5.31
N ASP B 159 20.85 -6.74 4.45
CA ASP B 159 21.23 -5.33 4.39
C ASP B 159 21.83 -5.11 3.00
N ALA B 160 21.04 -4.59 2.07
CA ALA B 160 21.43 -4.58 0.66
C ALA B 160 22.53 -3.55 0.33
N GLU B 161 22.57 -2.44 1.05
CA GLU B 161 23.59 -1.45 0.73
C GLU B 161 24.97 -1.90 1.24
N VAL B 162 25.00 -2.51 2.43
CA VAL B 162 26.19 -3.13 2.96
C VAL B 162 26.67 -4.22 2.01
N TYR B 163 25.71 -4.95 1.43
CA TYR B 163 26.03 -5.98 0.47
C TYR B 163 26.71 -5.39 -0.76
N ASN B 164 26.21 -4.27 -1.28
CA ASN B 164 26.76 -3.72 -2.52
C ASN B 164 28.16 -3.15 -2.31
N SER B 165 28.39 -2.56 -1.14
CA SER B 165 29.70 -2.00 -0.82
C SER B 165 30.74 -3.10 -0.65
N LEU B 166 30.43 -4.09 0.19
CA LEU B 166 31.29 -5.24 0.40
C LEU B 166 31.61 -5.94 -0.91
N ASN B 167 30.62 -6.02 -1.79
CA ASN B 167 30.81 -6.67 -3.06
C ASN B 167 31.61 -5.80 -4.02
N TRP B 168 31.36 -4.49 -4.01
CA TRP B 168 32.20 -3.56 -4.76
C TRP B 168 33.68 -3.69 -4.36
N MET B 169 33.94 -3.83 -3.06
CA MET B 169 35.30 -4.00 -2.54
C MET B 169 36.01 -5.25 -3.07
N LEU B 170 35.27 -6.35 -3.18
CA LEU B 170 35.83 -7.60 -3.70
C LEU B 170 36.11 -7.50 -5.20
N GLU B 171 35.33 -6.71 -5.92
CA GLU B 171 35.47 -6.65 -7.38
C GLU B 171 36.31 -5.44 -7.87
N ASN B 172 36.76 -4.59 -6.95
CA ASN B 172 37.46 -3.36 -7.33
C ASN B 172 38.64 -3.04 -6.43
N SER B 173 39.65 -2.39 -7.00
CA SER B 173 40.80 -1.94 -6.22
C SER B 173 40.33 -0.92 -5.18
N ILE B 174 40.77 -1.06 -3.93
CA ILE B 174 40.32 -0.11 -2.90
C ILE B 174 41.44 0.76 -2.33
N ASP B 175 42.68 0.51 -2.73
CA ASP B 175 43.79 1.29 -2.22
C ASP B 175 43.73 2.71 -2.78
N GLY B 176 43.86 3.70 -1.92
CA GLY B 176 43.81 5.09 -2.36
C GLY B 176 42.43 5.53 -2.80
N VAL B 177 41.44 4.64 -2.64
CA VAL B 177 40.06 4.97 -2.98
C VAL B 177 39.20 5.00 -1.73
N LEU B 178 39.23 3.90 -0.97
CA LEU B 178 38.45 3.80 0.26
C LEU B 178 39.37 3.77 1.47
N ASP B 179 38.93 4.43 2.54
CA ASP B 179 39.68 4.49 3.79
C ASP B 179 38.85 3.79 4.88
N LEU B 180 39.24 2.58 5.22
CA LEU B 180 38.45 1.69 6.06
C LEU B 180 39.27 1.04 7.17
N THR B 181 38.62 0.71 8.30
CA THR B 181 39.28 -0.09 9.34
C THR B 181 38.52 -1.39 9.60
N PHE B 182 39.14 -2.30 10.36
CA PHE B 182 38.50 -3.54 10.77
C PHE B 182 37.51 -3.30 11.92
N SER B 183 36.52 -2.47 11.63
CA SER B 183 35.45 -2.15 12.54
C SER B 183 34.17 -1.95 11.76
N ALA B 184 33.05 -1.94 12.47
CA ALA B 184 31.75 -1.65 11.86
C ALA B 184 31.04 -0.53 12.62
N ASP B 185 30.50 0.43 11.88
CA ASP B 185 29.62 1.43 12.48
C ASP B 185 28.21 0.87 12.47
N ASP B 186 27.67 0.64 13.67
CA ASP B 186 26.34 0.04 13.80
C ASP B 186 25.29 1.04 14.34
N GLU B 187 24.37 1.48 13.49
CA GLU B 187 23.40 2.49 13.94
C GLU B 187 22.28 1.87 14.78
N ARG B 188 21.95 2.54 15.86
CA ARG B 188 20.95 2.05 16.81
C ARG B 188 20.10 3.23 17.33
N PHE B 189 18.94 3.43 16.71
CA PHE B 189 18.00 4.48 17.09
C PHE B 189 18.71 5.84 17.22
N GLY B 190 19.49 6.20 16.21
CA GLY B 190 20.17 7.49 16.18
C GLY B 190 21.53 7.57 16.89
N GLU B 191 21.80 6.59 17.75
CA GLU B 191 23.08 6.48 18.42
C GLU B 191 23.95 5.49 17.66
N VAL B 192 25.06 5.94 17.09
CA VAL B 192 25.98 5.04 16.39
C VAL B 192 26.96 4.42 17.37
N VAL B 193 27.24 3.13 17.18
CA VAL B 193 28.19 2.41 18.02
C VAL B 193 29.22 1.73 17.12
N THR B 194 30.50 1.83 17.49
CA THR B 194 31.53 1.17 16.72
C THR B 194 31.91 -0.17 17.36
N VAL B 195 31.97 -1.19 16.52
CA VAL B 195 32.26 -2.56 16.91
C VAL B 195 33.57 -3.02 16.27
N ASP B 196 34.51 -3.53 17.05
CA ASP B 196 35.74 -4.10 16.46
C ASP B 196 35.45 -5.48 15.89
N LEU B 197 35.92 -5.73 14.68
CA LEU B 197 35.74 -7.03 14.01
C LEU B 197 36.87 -8.00 14.29
N LYS B 198 37.97 -7.48 14.84
CA LYS B 198 39.07 -8.30 15.34
C LYS B 198 39.73 -7.43 16.43
N PRO B 199 40.66 -8.00 17.23
CA PRO B 199 41.19 -7.21 18.35
C PRO B 199 41.83 -5.90 17.90
N ASP B 200 41.49 -4.81 18.59
CA ASP B 200 41.94 -3.46 18.24
C ASP B 200 41.68 -3.12 16.75
N GLY B 201 40.60 -3.67 16.21
CA GLY B 201 40.33 -3.62 14.79
C GLY B 201 40.07 -2.25 14.19
N ARG B 202 39.49 -1.34 14.97
CA ARG B 202 39.30 0.03 14.47
C ARG B 202 40.64 0.75 14.25
N ASN B 203 41.76 0.16 14.69
CA ASN B 203 43.05 0.78 14.42
C ASN B 203 43.84 0.09 13.34
N ILE B 204 43.16 -0.73 12.54
CA ILE B 204 43.86 -1.51 11.50
C ILE B 204 43.26 -1.20 10.14
N GLU B 205 44.10 -0.69 9.24
CA GLU B 205 43.62 -0.25 7.94
C GLU B 205 43.20 -1.45 7.09
N VAL B 206 42.12 -1.30 6.34
CA VAL B 206 41.71 -2.33 5.38
C VAL B 206 42.29 -1.99 4.01
N THR B 207 42.93 -2.97 3.39
CA THR B 207 43.65 -2.74 2.14
C THR B 207 43.30 -3.87 1.19
N ASP B 208 43.73 -3.73 -0.07
CA ASP B 208 43.41 -4.75 -1.07
C ASP B 208 43.95 -6.12 -0.66
N GLY B 209 44.95 -6.12 0.22
CA GLY B 209 45.62 -7.33 0.66
C GLY B 209 44.97 -8.04 1.83
N ASN B 210 44.19 -7.33 2.64
CA ASN B 210 43.47 -7.98 3.73
C ASN B 210 41.93 -7.84 3.64
N LYS B 211 41.44 -7.26 2.55
CA LYS B 211 40.01 -6.96 2.45
C LYS B 211 39.11 -8.20 2.38
N LYS B 212 39.61 -9.32 1.86
CA LYS B 212 38.77 -10.52 1.79
C LYS B 212 38.44 -11.01 3.20
N GLU B 213 39.41 -10.85 4.10
CA GLU B 213 39.21 -11.13 5.51
C GLU B 213 38.15 -10.20 6.15
N TYR B 214 38.29 -8.88 5.93
CA TYR B 214 37.33 -7.89 6.41
C TYR B 214 35.89 -8.27 6.01
N VAL B 215 35.69 -8.52 4.72
CA VAL B 215 34.41 -8.93 4.18
C VAL B 215 33.84 -10.14 4.93
N GLU B 216 34.67 -11.17 5.16
CA GLU B 216 34.24 -12.37 5.87
C GLU B 216 33.89 -12.09 7.33
N LEU B 217 34.67 -11.25 8.00
CA LEU B 217 34.35 -10.92 9.38
C LEU B 217 33.09 -10.08 9.48
N TYR B 218 32.92 -9.13 8.56
CA TYR B 218 31.74 -8.27 8.59
C TYR B 218 30.47 -9.12 8.35
N THR B 219 30.54 -9.96 7.32
CA THR B 219 29.47 -10.90 7.00
C THR B 219 29.00 -11.73 8.20
N GLN B 220 29.93 -12.44 8.86
CA GLN B 220 29.59 -13.26 10.04
C GLN B 220 29.04 -12.44 11.19
N TRP B 221 29.65 -11.29 11.40
CA TRP B 221 29.23 -10.43 12.50
C TRP B 221 27.78 -9.96 12.31
N ARG B 222 27.48 -9.38 11.15
CA ARG B 222 26.17 -8.76 10.99
C ARG B 222 25.06 -9.81 10.91
N ILE B 223 25.30 -10.87 10.15
CA ILE B 223 24.29 -11.88 9.91
C ILE B 223 24.12 -12.81 11.11
N VAL B 224 25.24 -13.26 11.69
CA VAL B 224 25.18 -14.31 12.72
C VAL B 224 25.38 -13.85 14.17
N ASP B 225 26.46 -13.12 14.44
CA ASP B 225 26.79 -12.79 15.83
C ASP B 225 25.85 -11.72 16.42
N ARG B 226 25.40 -10.79 15.58
CA ARG B 226 24.56 -9.69 16.05
C ARG B 226 23.20 -10.18 16.54
N VAL B 227 22.81 -11.39 16.14
CA VAL B 227 21.48 -11.89 16.49
C VAL B 227 21.58 -13.15 17.33
N GLN B 228 22.80 -13.44 17.80
CA GLN B 228 23.11 -14.68 18.53
C GLN B 228 22.13 -15.07 19.64
N GLU B 229 21.88 -14.16 20.58
CA GLU B 229 21.02 -14.49 21.70
C GLU B 229 19.53 -14.58 21.29
N GLN B 230 19.11 -13.73 20.35
CA GLN B 230 17.75 -13.78 19.82
C GLN B 230 17.53 -15.03 18.99
N PHE B 231 18.53 -15.39 18.19
CA PHE B 231 18.42 -16.59 17.37
C PHE B 231 18.35 -17.85 18.24
N LYS B 232 19.16 -17.91 19.29
CA LYS B 232 19.20 -19.12 20.11
C LYS B 232 17.88 -19.28 20.88
N ALA B 233 17.31 -18.17 21.35
CA ALA B 233 16.04 -18.25 22.07
C ALA B 233 14.92 -18.72 21.15
N PHE B 234 15.02 -18.34 19.87
CA PHE B 234 14.03 -18.72 18.85
C PHE B 234 14.14 -20.21 18.49
N MET B 235 15.38 -20.69 18.32
CA MET B 235 15.58 -22.11 18.01
C MET B 235 15.24 -22.96 19.22
N ASP B 236 15.48 -22.43 20.41
CA ASP B 236 15.06 -23.11 21.62
C ASP B 236 13.56 -23.39 21.57
N GLY B 237 12.75 -22.37 21.26
CA GLY B 237 11.31 -22.52 21.12
C GLY B 237 10.88 -23.45 20.00
N PHE B 238 11.45 -23.26 18.82
CA PHE B 238 11.14 -24.09 17.66
C PHE B 238 11.44 -25.59 17.90
N ASN B 239 12.67 -25.91 18.32
CA ASN B 239 13.06 -27.30 18.60
C ASN B 239 12.33 -27.93 19.77
N GLU B 240 11.72 -27.13 20.64
CA GLU B 240 10.84 -27.70 21.65
C GLU B 240 9.66 -28.41 21.01
N LEU B 241 9.44 -28.16 19.72
CA LEU B 241 8.32 -28.74 19.03
C LEU B 241 8.78 -29.58 17.84
N ILE B 242 9.77 -29.09 17.12
CA ILE B 242 10.27 -29.78 15.95
C ILE B 242 11.74 -30.09 16.16
N PRO B 243 12.06 -31.35 16.43
CA PRO B 243 13.43 -31.84 16.64
C PRO B 243 14.37 -31.40 15.54
N GLU B 244 15.55 -30.91 15.93
CA GLU B 244 16.52 -30.39 14.99
C GLU B 244 17.02 -31.44 14.00
N ASP B 245 17.10 -32.69 14.44
CA ASP B 245 17.51 -33.79 13.57
C ASP B 245 16.49 -34.12 12.48
N LEU B 246 15.23 -33.84 12.76
CA LEU B 246 14.19 -33.99 11.74
C LEU B 246 14.17 -32.81 10.74
N VAL B 247 14.27 -31.57 11.24
CA VAL B 247 14.14 -30.40 10.36
C VAL B 247 15.29 -30.30 9.36
N THR B 248 16.42 -30.92 9.67
CA THR B 248 17.60 -30.83 8.80
C THR B 248 17.55 -31.79 7.61
N VAL B 249 16.48 -32.58 7.50
CA VAL B 249 16.29 -33.33 6.25
C VAL B 249 16.08 -32.36 5.09
N PHE B 250 15.61 -31.14 5.38
CA PHE B 250 15.30 -30.13 4.34
C PHE B 250 16.44 -29.15 4.12
N ASP B 251 16.60 -28.69 2.88
CA ASP B 251 17.48 -27.53 2.66
C ASP B 251 16.68 -26.23 2.89
N GLU B 252 17.32 -25.08 2.72
CA GLU B 252 16.66 -23.82 3.09
C GLU B 252 15.55 -23.42 2.11
N ARG B 253 15.63 -23.87 0.87
CA ARG B 253 14.56 -23.50 -0.07
C ARG B 253 13.32 -24.34 0.25
N GLU B 254 13.53 -25.58 0.68
CA GLU B 254 12.44 -26.48 1.08
C GLU B 254 11.84 -26.10 2.42
N LEU B 255 12.68 -25.60 3.33
CA LEU B 255 12.20 -25.21 4.65
C LEU B 255 11.19 -24.06 4.58
N GLU B 256 11.46 -23.10 3.69
CA GLU B 256 10.53 -22.00 3.44
C GLU B 256 9.17 -22.56 3.12
N LEU B 257 9.15 -23.56 2.23
CA LEU B 257 7.90 -24.16 1.73
C LEU B 257 7.22 -25.03 2.77
N LEU B 258 7.99 -25.68 3.63
CA LEU B 258 7.41 -26.44 4.74
C LEU B 258 6.61 -25.52 5.67
N ILE B 259 7.19 -24.37 6.00
CA ILE B 259 6.63 -23.48 7.01
C ILE B 259 5.48 -22.69 6.44
N GLY B 260 5.63 -22.24 5.20
CA GLY B 260 4.72 -21.27 4.61
C GLY B 260 3.78 -21.82 3.56
N GLY B 261 4.09 -23.01 3.04
CA GLY B 261 3.23 -23.68 2.08
C GLY B 261 3.59 -23.36 0.64
N ILE B 262 3.04 -24.13 -0.28
CA ILE B 262 3.15 -23.77 -1.68
C ILE B 262 1.81 -23.28 -2.17
N ALA B 263 1.71 -22.00 -2.52
CA ALA B 263 0.43 -21.45 -2.98
C ALA B 263 0.22 -21.69 -4.46
N GLU B 264 -1.04 -21.81 -4.88
CA GLU B 264 -1.29 -21.96 -6.31
C GLU B 264 -1.15 -20.61 -7.01
N ILE B 265 -0.02 -20.43 -7.69
CA ILE B 265 0.28 -19.20 -8.42
C ILE B 265 -0.70 -18.95 -9.55
N ASP B 266 -1.27 -17.75 -9.57
CA ASP B 266 -2.15 -17.28 -10.64
C ASP B 266 -1.32 -16.73 -11.81
N ILE B 267 -1.12 -17.56 -12.84
CA ILE B 267 -0.22 -17.23 -13.96
C ILE B 267 -0.66 -16.00 -14.75
N GLU B 268 -1.97 -15.75 -14.78
CA GLU B 268 -2.48 -14.61 -15.51
C GLU B 268 -2.20 -13.32 -14.77
N ASP B 269 -2.44 -13.33 -13.47
CA ASP B 269 -2.06 -12.22 -12.59
C ASP B 269 -0.60 -11.84 -12.79
N TRP B 270 0.24 -12.87 -12.88
CA TRP B 270 1.69 -12.71 -13.00
C TRP B 270 2.05 -12.04 -14.32
N LYS B 271 1.56 -12.64 -15.40
CA LYS B 271 1.78 -12.12 -16.77
C LYS B 271 1.33 -10.65 -16.96
N LYS B 272 0.14 -10.30 -16.50
CA LYS B 272 -0.38 -8.94 -16.65
C LYS B 272 0.43 -7.91 -15.87
N HIS B 273 1.07 -8.33 -14.79
CA HIS B 273 1.84 -7.35 -14.02
C HIS B 273 3.34 -7.54 -14.13
N THR B 274 3.79 -7.88 -15.33
CA THR B 274 5.19 -8.01 -15.63
C THR B 274 5.68 -6.88 -16.55
N ASP B 275 6.81 -6.28 -16.19
CA ASP B 275 7.41 -5.26 -17.01
C ASP B 275 8.50 -5.84 -17.90
N TYR B 276 8.65 -5.26 -19.09
CA TYR B 276 9.61 -5.71 -20.06
C TYR B 276 10.59 -4.61 -20.38
N ARG B 277 11.89 -4.92 -20.31
CA ARG B 277 12.94 -3.95 -20.60
C ARG B 277 13.86 -4.43 -21.74
N GLY B 278 13.72 -3.83 -22.91
CA GLY B 278 14.45 -4.31 -24.07
C GLY B 278 13.68 -5.37 -24.86
N TYR B 279 12.63 -5.92 -24.24
CA TYR B 279 11.73 -6.84 -24.93
C TYR B 279 10.33 -6.25 -25.04
N GLN B 280 9.50 -6.85 -25.89
CA GLN B 280 8.07 -6.66 -25.80
C GLN B 280 7.49 -7.99 -25.40
N GLU B 281 6.24 -8.03 -24.99
CA GLU B 281 5.57 -9.32 -24.75
C GLU B 281 5.69 -10.20 -25.98
N SER B 282 5.41 -9.59 -27.14
CA SER B 282 5.25 -10.31 -28.39
C SER B 282 6.52 -11.04 -28.83
N ASP B 283 7.68 -10.57 -28.36
CA ASP B 283 8.94 -11.17 -28.72
C ASP B 283 8.96 -12.68 -28.48
N GLU B 284 9.82 -13.37 -29.22
CA GLU B 284 9.84 -14.83 -29.23
C GLU B 284 10.38 -15.39 -27.91
N VAL B 285 11.50 -14.82 -27.45
CA VAL B 285 12.11 -15.16 -26.17
C VAL B 285 11.13 -15.13 -25.00
N ILE B 286 10.34 -14.04 -24.94
CA ILE B 286 9.36 -13.88 -23.88
C ILE B 286 8.24 -14.90 -24.01
N GLN B 287 7.90 -15.27 -25.23
CA GLN B 287 6.89 -16.30 -25.47
C GLN B 287 7.38 -17.64 -24.93
N TRP B 288 8.66 -17.92 -25.15
CA TRP B 288 9.30 -19.11 -24.58
C TRP B 288 9.31 -19.08 -23.06
N PHE B 289 9.64 -17.92 -22.49
CA PHE B 289 9.71 -17.78 -21.05
C PHE B 289 8.39 -18.19 -20.41
N TRP B 290 7.27 -17.77 -20.99
CA TRP B 290 5.98 -18.08 -20.38
C TRP B 290 5.52 -19.48 -20.74
N LYS B 291 5.97 -20.03 -21.87
CA LYS B 291 5.65 -21.43 -22.16
C LYS B 291 6.33 -22.32 -21.14
N CYS B 292 7.59 -21.98 -20.84
CA CYS B 292 8.38 -22.70 -19.86
C CYS B 292 7.76 -22.68 -18.46
N VAL B 293 7.34 -21.49 -18.02
CA VAL B 293 6.72 -21.32 -16.71
C VAL B 293 5.36 -22.00 -16.68
N SER B 294 4.68 -21.99 -17.82
CA SER B 294 3.41 -22.70 -17.97
C SER B 294 3.59 -24.19 -17.80
N GLU B 295 4.55 -24.75 -18.53
CA GLU B 295 4.82 -26.19 -18.47
C GLU B 295 5.56 -26.59 -17.19
N TRP B 296 5.69 -25.66 -16.26
CA TRP B 296 6.25 -26.02 -14.96
C TRP B 296 5.14 -26.32 -13.97
N ASP B 297 5.44 -27.19 -13.01
CA ASP B 297 4.51 -27.42 -11.95
C ASP B 297 4.64 -26.29 -10.97
N ASN B 298 3.84 -26.35 -9.93
CA ASN B 298 3.67 -25.24 -9.03
C ASN B 298 4.85 -25.03 -8.06
N GLU B 299 5.49 -26.13 -7.64
CA GLU B 299 6.66 -26.03 -6.79
C GLU B 299 7.84 -25.42 -7.57
N GLN B 300 7.90 -25.71 -8.88
CA GLN B 300 8.95 -25.13 -9.73
C GLN B 300 8.69 -23.66 -10.03
N ARG B 301 7.44 -23.21 -9.91
CA ARG B 301 7.14 -21.80 -10.06
C ARG B 301 7.65 -21.02 -8.86
N ALA B 302 7.25 -21.50 -7.70
CA ALA B 302 7.73 -21.04 -6.43
C ALA B 302 9.27 -20.88 -6.42
N ARG B 303 9.97 -21.84 -7.04
CA ARG B 303 11.42 -21.78 -7.13
C ARG B 303 11.90 -20.63 -8.02
N LEU B 304 11.20 -20.36 -9.11
CA LEU B 304 11.51 -19.21 -9.96
C LEU B 304 11.26 -17.90 -9.19
N LEU B 305 10.25 -17.89 -8.33
CA LEU B 305 10.02 -16.69 -7.51
C LEU B 305 11.10 -16.49 -6.45
N GLN B 306 11.52 -17.59 -5.82
CA GLN B 306 12.59 -17.52 -4.83
C GLN B 306 13.86 -17.01 -5.50
N PHE B 307 14.16 -17.54 -6.68
CA PHE B 307 15.34 -17.12 -7.44
C PHE B 307 15.34 -15.64 -7.84
N THR B 308 14.17 -15.16 -8.22
CA THR B 308 14.06 -13.86 -8.85
C THR B 308 13.81 -12.76 -7.82
N THR B 309 13.07 -13.09 -6.76
CA THR B 309 12.66 -12.11 -5.74
C THR B 309 13.20 -12.36 -4.32
N GLY B 310 13.71 -13.58 -4.08
CA GLY B 310 14.17 -13.97 -2.75
C GLY B 310 13.13 -14.67 -1.89
N THR B 311 11.92 -14.85 -2.42
CA THR B 311 10.88 -15.54 -1.68
C THR B 311 9.80 -16.11 -2.62
N SER B 312 9.10 -17.13 -2.16
CA SER B 312 7.98 -17.67 -2.93
C SER B 312 6.64 -17.03 -2.52
N ARG B 313 6.68 -16.19 -1.47
CA ARG B 313 5.47 -15.55 -0.98
C ARG B 313 4.94 -14.56 -2.02
N ILE B 314 3.64 -14.66 -2.27
CA ILE B 314 2.91 -13.77 -3.15
C ILE B 314 2.11 -12.81 -2.29
N PRO B 315 2.07 -11.53 -2.67
CA PRO B 315 1.30 -10.57 -1.85
C PRO B 315 -0.20 -10.88 -1.84
N VAL B 316 -0.89 -10.44 -0.78
CA VAL B 316 -2.35 -10.57 -0.68
C VAL B 316 -3.10 -10.19 -1.96
N ASN B 317 -2.82 -9.00 -2.49
CA ASN B 317 -3.49 -8.53 -3.71
C ASN B 317 -2.80 -8.91 -5.02
N GLY B 318 -1.95 -9.93 -4.99
CA GLY B 318 -1.37 -10.47 -6.20
C GLY B 318 -0.07 -9.78 -6.63
N PHE B 319 0.37 -10.04 -7.86
CA PHE B 319 1.70 -9.61 -8.32
C PHE B 319 1.80 -8.09 -8.49
N LYS B 320 0.64 -7.45 -8.55
CA LYS B 320 0.48 -5.99 -8.49
C LYS B 320 1.38 -5.33 -7.43
N ASP B 321 1.40 -5.93 -6.24
CA ASP B 321 2.03 -5.36 -5.06
C ASP B 321 3.41 -5.95 -4.71
N LEU B 322 4.07 -6.56 -5.70
CA LEU B 322 5.44 -7.04 -5.50
C LEU B 322 6.34 -5.88 -5.08
N GLN B 323 7.25 -6.13 -4.15
CA GLN B 323 8.11 -5.07 -3.60
C GLN B 323 9.59 -5.32 -3.88
N GLY B 324 10.36 -4.23 -3.96
CA GLY B 324 11.80 -4.29 -4.08
C GLY B 324 12.44 -3.58 -2.90
N SER B 325 13.75 -3.33 -2.98
CA SER B 325 14.44 -2.67 -1.87
C SER B 325 14.00 -1.21 -1.62
N ASP B 326 13.43 -0.55 -2.63
CA ASP B 326 13.13 0.89 -2.52
C ASP B 326 11.65 1.20 -2.78
N GLY B 327 10.80 0.21 -2.52
CA GLY B 327 9.37 0.35 -2.75
C GLY B 327 8.86 -0.67 -3.75
N PRO B 328 7.58 -0.53 -4.19
CA PRO B 328 6.99 -1.42 -5.19
C PRO B 328 7.86 -1.63 -6.40
N ARG B 329 8.02 -2.89 -6.77
CA ARG B 329 8.80 -3.27 -7.93
C ARG B 329 8.15 -4.46 -8.60
N ARG B 330 7.61 -4.24 -9.79
CA ARG B 330 7.03 -5.31 -10.56
C ARG B 330 8.06 -6.35 -11.01
N PHE B 331 7.61 -7.60 -11.11
CA PHE B 331 8.37 -8.61 -11.79
C PHE B 331 8.77 -8.05 -13.17
N THR B 332 10.04 -8.16 -13.51
CA THR B 332 10.58 -7.49 -14.69
C THR B 332 11.56 -8.36 -15.45
N ILE B 333 11.41 -8.41 -16.77
CA ILE B 333 12.31 -9.19 -17.60
C ILE B 333 13.12 -8.28 -18.50
N GLU B 334 14.44 -8.34 -18.37
CA GLU B 334 15.32 -7.46 -19.12
C GLU B 334 16.22 -8.25 -20.07
N LYS B 335 16.48 -7.67 -21.24
CA LYS B 335 17.38 -8.25 -22.22
C LYS B 335 18.80 -7.90 -21.85
N ALA B 336 19.50 -8.86 -21.26
CA ALA B 336 20.89 -8.65 -20.87
C ALA B 336 21.59 -10.01 -20.78
N GLY B 337 22.92 -9.98 -20.87
CA GLY B 337 23.72 -11.20 -20.93
C GLY B 337 23.86 -11.71 -22.35
N GLU B 338 24.63 -12.79 -22.54
CA GLU B 338 24.68 -13.45 -23.84
C GLU B 338 24.37 -14.94 -23.73
N VAL B 339 23.98 -15.54 -24.85
CA VAL B 339 23.49 -16.92 -24.90
C VAL B 339 24.44 -17.92 -24.24
N GLN B 340 25.71 -17.56 -24.17
CA GLN B 340 26.71 -18.35 -23.45
C GLN B 340 26.34 -18.50 -21.98
N GLN B 341 25.72 -17.46 -21.40
CA GLN B 341 25.50 -17.38 -19.96
C GLN B 341 24.10 -17.83 -19.51
N LEU B 342 23.97 -17.97 -18.20
CA LEU B 342 22.69 -18.27 -17.58
C LEU B 342 21.95 -16.96 -17.25
N PRO B 343 20.62 -17.00 -17.14
CA PRO B 343 19.90 -15.82 -16.68
C PRO B 343 20.38 -15.38 -15.29
N LYS B 344 20.60 -14.09 -15.09
CA LYS B 344 20.93 -13.59 -13.76
C LYS B 344 19.70 -12.90 -13.18
N SER B 345 19.52 -12.96 -11.86
CA SER B 345 18.41 -12.23 -11.26
C SER B 345 18.91 -11.13 -10.35
N HIS B 346 18.06 -10.13 -10.12
CA HIS B 346 18.36 -9.03 -9.20
C HIS B 346 17.23 -8.86 -8.21
N THR B 347 17.46 -9.40 -7.02
CA THR B 347 16.44 -9.64 -6.02
C THR B 347 15.86 -8.35 -5.41
N CYS B 348 16.62 -7.24 -5.51
CA CYS B 348 16.19 -5.93 -4.99
C CYS B 348 15.22 -5.22 -5.92
N PHE B 349 15.17 -5.70 -7.16
CA PHE B 349 14.32 -5.10 -8.18
C PHE B 349 13.43 -6.13 -8.84
N ASN B 350 13.30 -7.31 -8.22
CA ASN B 350 12.53 -8.42 -8.78
C ASN B 350 12.69 -8.59 -10.30
N ARG B 351 13.93 -8.60 -10.77
CA ARG B 351 14.24 -8.54 -12.20
C ARG B 351 15.05 -9.74 -12.68
N VAL B 352 14.61 -10.35 -13.79
CA VAL B 352 15.42 -11.35 -14.50
C VAL B 352 16.17 -10.77 -15.69
N ASP B 353 17.50 -10.88 -15.67
CA ASP B 353 18.29 -10.67 -16.88
C ASP B 353 18.26 -11.92 -17.75
N LEU B 354 17.70 -11.79 -18.95
CA LEU B 354 17.46 -12.93 -19.82
C LEU B 354 17.98 -12.66 -21.23
N PRO B 355 19.11 -13.29 -21.59
CA PRO B 355 19.73 -13.09 -22.91
C PRO B 355 18.84 -13.61 -24.03
N GLN B 356 19.08 -13.15 -25.25
CA GLN B 356 18.23 -13.55 -26.36
C GLN B 356 18.63 -14.93 -26.88
N TYR B 357 17.97 -15.97 -26.38
CA TYR B 357 18.25 -17.33 -26.80
C TYR B 357 17.64 -17.58 -28.18
N VAL B 358 17.98 -18.71 -28.79
CA VAL B 358 17.57 -18.98 -30.16
C VAL B 358 16.64 -20.20 -30.29
N ASP B 359 16.75 -21.16 -29.37
CA ASP B 359 15.74 -22.22 -29.31
C ASP B 359 15.19 -22.39 -27.89
N TYR B 360 13.96 -22.85 -27.80
CA TYR B 360 13.26 -22.95 -26.52
C TYR B 360 13.92 -23.92 -25.53
N ASP B 361 14.43 -25.04 -26.05
CA ASP B 361 14.98 -26.07 -25.18
C ASP B 361 16.33 -25.65 -24.58
N SER B 362 17.03 -24.73 -25.24
CA SER B 362 18.25 -24.13 -24.68
C SER B 362 17.93 -23.11 -23.59
N MET B 363 16.77 -22.48 -23.71
CA MET B 363 16.32 -21.52 -22.70
C MET B 363 15.78 -22.29 -21.49
N LYS B 364 14.85 -23.22 -21.74
CA LYS B 364 14.31 -24.07 -20.69
C LYS B 364 15.46 -24.68 -19.89
N GLN B 365 16.44 -25.20 -20.64
CA GLN B 365 17.72 -25.68 -20.11
C GLN B 365 18.35 -24.72 -19.13
N LYS B 366 18.81 -23.58 -19.66
CA LYS B 366 19.62 -22.65 -18.90
C LYS B 366 18.81 -21.83 -17.89
N LEU B 367 17.49 -21.76 -18.06
CA LEU B 367 16.66 -21.11 -17.06
C LEU B 367 16.50 -22.04 -15.87
N THR B 368 16.40 -23.35 -16.16
CA THR B 368 16.32 -24.36 -15.12
C THR B 368 17.59 -24.35 -14.25
N LEU B 369 18.74 -24.46 -14.90
CA LEU B 369 20.02 -24.48 -14.21
C LEU B 369 20.15 -23.30 -13.26
N ALA B 370 19.92 -22.08 -13.76
CA ALA B 370 20.02 -20.88 -12.95
C ALA B 370 19.12 -20.95 -11.72
N VAL B 371 17.93 -21.51 -11.89
CA VAL B 371 16.99 -21.68 -10.78
C VAL B 371 17.54 -22.69 -9.77
N GLU B 372 18.14 -23.77 -10.27
CA GLU B 372 18.62 -24.88 -9.43
C GLU B 372 19.93 -24.58 -8.73
N GLU B 373 20.71 -23.67 -9.30
CA GLU B 373 22.09 -23.46 -8.89
C GLU B 373 22.21 -22.72 -7.55
N HIS C 5 -26.23 -31.72 10.41
CA HIS C 5 -26.79 -30.51 11.00
C HIS C 5 -25.68 -29.48 11.30
N HIS C 6 -24.70 -29.39 10.40
CA HIS C 6 -23.72 -28.30 10.30
C HIS C 6 -22.88 -28.46 9.03
N HIS C 7 -23.11 -27.62 8.02
CA HIS C 7 -22.32 -27.69 6.77
C HIS C 7 -21.79 -26.34 6.25
N HIS C 8 -20.65 -26.39 5.57
CA HIS C 8 -19.84 -25.20 5.30
C HIS C 8 -19.74 -24.78 3.85
N MET C 9 -19.19 -23.59 3.65
CA MET C 9 -19.36 -22.84 2.43
C MET C 9 -18.46 -21.62 2.49
N GLN C 10 -17.74 -21.34 1.42
CA GLN C 10 -16.99 -20.11 1.34
C GLN C 10 -17.84 -19.06 0.60
N ILE C 11 -17.94 -17.85 1.19
CA ILE C 11 -18.44 -16.70 0.43
C ILE C 11 -17.44 -15.54 0.47
N PHE C 12 -17.61 -14.58 -0.42
CA PHE C 12 -16.78 -13.39 -0.43
C PHE C 12 -17.61 -12.14 -0.18
N VAL C 13 -17.07 -11.24 0.63
CA VAL C 13 -17.68 -9.93 0.84
C VAL C 13 -16.80 -8.84 0.25
N LYS C 14 -17.29 -8.16 -0.78
CA LYS C 14 -16.50 -7.15 -1.47
C LYS C 14 -16.82 -5.72 -0.96
N THR C 15 -15.78 -4.97 -0.64
CA THR C 15 -15.95 -3.58 -0.19
C THR C 15 -15.85 -2.64 -1.40
N PRO C 16 -16.26 -1.37 -1.24
CA PRO C 16 -16.07 -0.43 -2.35
C PRO C 16 -14.63 0.09 -2.42
N THR C 17 -13.84 -0.21 -1.40
CA THR C 17 -12.41 0.10 -1.41
C THR C 17 -11.64 -1.03 -2.09
N ARG C 18 -12.39 -1.88 -2.79
CA ARG C 18 -11.89 -3.01 -3.60
C ARG C 18 -11.40 -4.22 -2.78
N LYS C 19 -11.40 -4.12 -1.45
CA LYS C 19 -10.96 -5.22 -0.60
C LYS C 19 -11.94 -6.41 -0.65
N SER C 20 -11.40 -7.62 -0.63
CA SER C 20 -12.25 -8.80 -0.62
C SER C 20 -12.08 -9.57 0.70
N ILE C 21 -13.19 -9.81 1.39
CA ILE C 21 -13.17 -10.57 2.63
C ILE C 21 -13.70 -11.99 2.46
N SER C 22 -12.90 -12.95 2.88
CA SER C 22 -13.25 -14.35 2.79
C SER C 22 -13.98 -14.78 4.07
N LEU C 23 -15.16 -15.36 3.93
CA LEU C 23 -15.90 -15.84 5.10
C LEU C 23 -16.30 -17.29 4.92
N GLU C 24 -16.15 -18.10 5.97
CA GLU C 24 -16.74 -19.42 5.91
C GLU C 24 -18.04 -19.41 6.67
N VAL C 25 -19.12 -19.80 5.99
CA VAL C 25 -20.47 -19.75 6.56
C VAL C 25 -21.29 -21.01 6.26
N GLU C 26 -22.47 -21.11 6.86
CA GLU C 26 -23.44 -22.15 6.49
C GLU C 26 -24.60 -21.51 5.75
N PRO C 27 -25.20 -22.25 4.80
CA PRO C 27 -26.37 -21.77 4.03
C PRO C 27 -27.54 -21.25 4.89
N SER C 28 -27.68 -21.79 6.10
CA SER C 28 -28.79 -21.42 6.98
C SER C 28 -28.40 -20.34 8.00
N ASP C 29 -27.20 -19.80 7.88
CA ASP C 29 -26.85 -18.62 8.67
C ASP C 29 -27.71 -17.42 8.28
N THR C 30 -28.11 -16.64 9.26
CA THR C 30 -28.78 -15.37 9.00
C THR C 30 -27.83 -14.33 8.42
N ILE C 31 -28.40 -13.33 7.75
CA ILE C 31 -27.70 -12.14 7.30
C ILE C 31 -27.08 -11.40 8.50
N GLU C 32 -27.80 -11.39 9.61
CA GLU C 32 -27.31 -10.85 10.87
C GLU C 32 -26.04 -11.56 11.35
N ASN C 33 -26.01 -12.88 11.20
CA ASN C 33 -24.85 -13.68 11.53
C ASN C 33 -23.63 -13.29 10.71
N VAL C 34 -23.85 -13.03 9.42
CA VAL C 34 -22.78 -12.65 8.50
C VAL C 34 -22.23 -11.25 8.82
N LYS C 35 -23.10 -10.30 9.13
CA LYS C 35 -22.67 -8.96 9.52
C LYS C 35 -21.84 -9.05 10.79
N ALA C 36 -22.21 -9.96 11.67
CA ALA C 36 -21.48 -10.11 12.92
C ALA C 36 -20.15 -10.87 12.73
N LYS C 37 -20.03 -11.64 11.67
CA LYS C 37 -18.74 -12.23 11.32
C LYS C 37 -17.85 -11.13 10.75
N ILE C 38 -18.49 -10.16 10.09
CA ILE C 38 -17.78 -9.05 9.51
C ILE C 38 -17.25 -8.14 10.63
N GLN C 39 -18.04 -7.99 11.68
CA GLN C 39 -17.63 -7.23 12.86
C GLN C 39 -16.44 -7.89 13.54
N ASP C 40 -16.47 -9.24 13.65
CA ASP C 40 -15.35 -10.02 14.19
C ASP C 40 -14.06 -9.68 13.44
N LYS C 41 -14.09 -9.77 12.12
CA LYS C 41 -12.88 -9.65 11.34
C LYS C 41 -12.45 -8.20 11.09
N GLU C 42 -13.43 -7.30 10.97
CA GLU C 42 -13.14 -5.95 10.51
C GLU C 42 -13.45 -4.88 11.55
N GLY C 43 -14.08 -5.26 12.66
CA GLY C 43 -14.45 -4.27 13.67
C GLY C 43 -15.59 -3.32 13.31
N ILE C 44 -16.25 -3.54 12.17
CA ILE C 44 -17.39 -2.71 11.78
C ILE C 44 -18.70 -3.19 12.44
N PRO C 45 -19.32 -2.33 13.26
CA PRO C 45 -20.58 -2.67 13.92
C PRO C 45 -21.68 -3.07 12.94
N PRO C 46 -22.38 -4.17 13.21
CA PRO C 46 -23.49 -4.65 12.37
C PRO C 46 -24.51 -3.58 11.98
N ASP C 47 -24.87 -2.66 12.88
CA ASP C 47 -25.89 -1.67 12.54
C ASP C 47 -25.41 -0.66 11.49
N GLN C 48 -24.11 -0.62 11.21
CA GLN C 48 -23.61 0.31 10.19
C GLN C 48 -23.62 -0.35 8.83
N GLN C 49 -23.84 -1.66 8.79
CA GLN C 49 -23.67 -2.41 7.54
C GLN C 49 -24.94 -2.66 6.71
N ARG C 50 -24.80 -2.54 5.40
CA ARG C 50 -25.78 -3.06 4.45
C ARG C 50 -25.08 -4.13 3.63
N LEU C 51 -25.70 -5.29 3.49
CA LEU C 51 -25.19 -6.26 2.57
C LEU C 51 -26.13 -6.38 1.38
N ILE C 52 -25.56 -6.61 0.20
CA ILE C 52 -26.34 -6.67 -1.03
C ILE C 52 -25.86 -7.83 -1.90
N PHE C 53 -26.80 -8.65 -2.37
CA PHE C 53 -26.47 -9.74 -3.28
C PHE C 53 -27.22 -9.59 -4.58
N ALA C 54 -26.49 -9.50 -5.68
CA ALA C 54 -27.06 -9.40 -7.02
C ALA C 54 -28.18 -8.36 -7.04
N GLY C 55 -27.87 -7.19 -6.46
CA GLY C 55 -28.78 -6.06 -6.51
C GLY C 55 -29.75 -5.82 -5.37
N LYS C 56 -30.05 -6.87 -4.59
CA LYS C 56 -31.10 -6.74 -3.58
C LYS C 56 -30.48 -6.60 -2.21
N GLN C 57 -31.09 -5.75 -1.37
CA GLN C 57 -30.51 -5.45 -0.08
C GLN C 57 -30.98 -6.66 0.76
N LEU C 58 -30.14 -7.17 1.67
CA LEU C 58 -30.47 -8.37 2.43
C LEU C 58 -30.97 -8.00 3.81
N GLU C 59 -32.08 -8.62 4.20
CA GLU C 59 -32.74 -8.35 5.46
C GLU C 59 -32.16 -9.23 6.56
N ASP C 60 -32.09 -8.68 7.77
CA ASP C 60 -31.33 -9.26 8.87
C ASP C 60 -31.79 -10.64 9.33
N GLY C 61 -33.09 -10.86 9.31
CA GLY C 61 -33.65 -12.09 9.85
C GLY C 61 -33.81 -13.21 8.84
N ARG C 62 -33.23 -13.05 7.65
CA ARG C 62 -33.32 -14.08 6.62
C ARG C 62 -32.02 -14.85 6.49
N THR C 63 -32.08 -15.97 5.78
CA THR C 63 -30.90 -16.81 5.66
C THR C 63 -30.26 -16.64 4.29
N LEU C 64 -29.00 -17.02 4.20
CA LEU C 64 -28.27 -17.00 2.95
C LEU C 64 -29.00 -17.78 1.85
N SER C 65 -29.51 -18.97 2.17
CA SER C 65 -30.22 -19.78 1.17
C SER C 65 -31.59 -19.18 0.80
N ASP C 66 -32.18 -18.37 1.68
CA ASP C 66 -33.39 -17.60 1.30
C ASP C 66 -33.14 -16.73 0.07
N TYR C 67 -31.90 -16.29 -0.10
CA TYR C 67 -31.53 -15.42 -1.22
C TYR C 67 -30.74 -16.19 -2.27
N ASN C 68 -30.65 -17.51 -2.09
CA ASN C 68 -29.97 -18.40 -3.05
C ASN C 68 -28.49 -18.08 -3.19
N ILE C 69 -27.87 -17.72 -2.07
CA ILE C 69 -26.45 -17.47 -1.98
C ILE C 69 -25.73 -18.81 -1.84
N GLN C 70 -24.79 -19.06 -2.75
CA GLN C 70 -24.12 -20.36 -2.83
C GLN C 70 -22.62 -20.24 -2.64
N LYS C 71 -21.94 -21.40 -2.71
CA LYS C 71 -20.50 -21.48 -2.56
C LYS C 71 -19.82 -20.51 -3.51
N GLU C 72 -18.89 -19.74 -2.94
CA GLU C 72 -18.13 -18.71 -3.63
C GLU C 72 -18.97 -17.61 -4.27
N SER C 73 -20.13 -17.34 -3.67
CA SER C 73 -20.88 -16.14 -4.02
C SER C 73 -20.17 -14.88 -3.50
N THR C 74 -20.42 -13.75 -4.16
CA THR C 74 -19.92 -12.47 -3.67
C THR C 74 -21.07 -11.57 -3.25
N LEU C 75 -20.93 -11.01 -2.05
CA LEU C 75 -21.82 -10.03 -1.46
C LEU C 75 -21.11 -8.66 -1.40
N HIS C 76 -21.87 -7.58 -1.48
CA HIS C 76 -21.26 -6.25 -1.43
C HIS C 76 -21.60 -5.57 -0.12
N LEU C 77 -20.57 -5.15 0.59
CA LEU C 77 -20.72 -4.41 1.84
C LEU C 77 -20.69 -2.88 1.60
N VAL C 78 -21.69 -2.18 2.13
CA VAL C 78 -21.76 -0.71 2.04
C VAL C 78 -22.13 -0.19 3.42
N LEU C 79 -21.54 0.94 3.82
CA LEU C 79 -21.76 1.45 5.16
C LEU C 79 -22.82 2.55 5.14
N ARG C 80 -23.64 2.62 6.20
CA ARG C 80 -24.70 3.65 6.29
C ARG C 80 -24.07 5.02 6.48
N LEU C 81 -24.76 6.08 6.07
CA LEU C 81 -24.26 7.44 6.31
C LEU C 81 -24.30 7.75 7.80
N PRO C 82 -23.16 8.15 8.39
CA PRO C 82 -23.10 8.47 9.82
C PRO C 82 -24.17 9.49 10.23
N GLY C 83 -24.88 9.20 11.32
CA GLY C 83 -25.97 10.05 11.73
C GLY C 83 -27.33 9.57 11.27
N THR C 84 -27.38 8.58 10.38
CA THR C 84 -28.66 7.98 10.01
C THR C 84 -28.89 6.68 10.78
N ILE C 85 -27.94 6.40 11.69
CA ILE C 85 -27.84 5.21 12.53
C ILE C 85 -27.21 4.02 11.79
N HIS D 5 6.24 22.98 9.33
CA HIS D 5 6.57 24.13 8.50
C HIS D 5 5.81 25.37 8.88
N HIS D 6 4.87 25.23 9.82
CA HIS D 6 4.09 26.38 10.27
C HIS D 6 4.98 27.28 11.13
N HIS D 7 4.38 28.06 12.02
CA HIS D 7 5.20 28.84 12.93
C HIS D 7 5.44 27.97 14.17
N HIS D 8 5.17 26.68 14.00
CA HIS D 8 5.62 25.63 14.91
C HIS D 8 6.96 25.02 14.45
N MET D 9 7.50 24.13 15.28
CA MET D 9 8.75 23.45 14.97
C MET D 9 8.45 22.06 14.40
N GLN D 10 9.18 21.67 13.36
CA GLN D 10 8.98 20.35 12.77
C GLN D 10 9.98 19.33 13.31
N ILE D 11 9.45 18.21 13.82
CA ILE D 11 10.27 17.04 14.13
C ILE D 11 9.73 15.78 13.43
N PHE D 12 10.57 14.77 13.33
CA PHE D 12 10.17 13.53 12.68
C PHE D 12 10.18 12.34 13.64
N VAL D 13 9.21 11.45 13.48
CA VAL D 13 9.14 10.23 14.26
C VAL D 13 9.26 9.02 13.33
N LYS D 14 10.34 8.27 13.48
CA LYS D 14 10.69 7.20 12.56
C LYS D 14 10.23 5.83 13.10
N THR D 15 9.45 5.10 12.30
CA THR D 15 8.96 3.77 12.71
C THR D 15 9.89 2.66 12.24
N PRO D 16 9.81 1.46 12.84
CA PRO D 16 10.59 0.32 12.35
C PRO D 16 10.07 -0.22 11.02
N THR D 17 8.92 0.31 10.60
CA THR D 17 8.32 -0.04 9.32
C THR D 17 8.79 0.91 8.23
N ARG D 18 9.96 1.53 8.42
CA ARG D 18 10.54 2.49 7.47
C ARG D 18 9.58 3.61 7.11
N LYS D 19 8.88 4.14 8.10
CA LYS D 19 7.98 5.25 7.89
C LYS D 19 8.46 6.42 8.75
N SER D 20 8.32 7.63 8.23
CA SER D 20 8.69 8.84 8.94
C SER D 20 7.45 9.71 9.13
N ILE D 21 7.08 9.97 10.39
CA ILE D 21 5.91 10.79 10.69
C ILE D 21 6.27 12.25 11.02
N SER D 22 5.67 13.18 10.27
CA SER D 22 5.88 14.61 10.48
C SER D 22 5.01 15.14 11.63
N LEU D 23 5.60 15.96 12.48
CA LEU D 23 4.87 16.60 13.59
C LEU D 23 5.24 18.07 13.78
N GLU D 24 4.23 18.89 14.02
CA GLU D 24 4.46 20.29 14.40
C GLU D 24 4.40 20.34 15.92
N VAL D 25 5.47 20.84 16.53
CA VAL D 25 5.60 20.81 17.98
C VAL D 25 6.29 22.08 18.48
N GLU D 26 6.21 22.30 19.79
CA GLU D 26 6.93 23.39 20.42
C GLU D 26 7.78 22.83 21.54
N PRO D 27 8.97 23.39 21.76
CA PRO D 27 9.83 23.06 22.89
C PRO D 27 9.05 22.93 24.21
N SER D 28 8.02 23.77 24.37
CA SER D 28 7.09 23.69 25.49
C SER D 28 6.52 22.28 25.71
N ASP D 29 6.31 21.55 24.61
CA ASP D 29 5.59 20.27 24.64
C ASP D 29 6.32 19.20 25.45
N THR D 30 5.55 18.45 26.22
CA THR D 30 6.09 17.33 26.99
C THR D 30 6.16 16.08 26.10
N ILE D 31 6.91 15.08 26.54
CA ILE D 31 6.97 13.82 25.81
C ILE D 31 5.57 13.23 25.67
N GLU D 32 4.81 13.23 26.76
CA GLU D 32 3.45 12.69 26.75
C GLU D 32 2.61 13.38 25.69
N ASN D 33 2.79 14.69 25.57
CA ASN D 33 2.11 15.47 24.56
C ASN D 33 2.36 14.89 23.17
N VAL D 34 3.63 14.60 22.89
CA VAL D 34 4.04 14.08 21.59
C VAL D 34 3.49 12.69 21.33
N LYS D 35 3.42 11.87 22.38
CA LYS D 35 2.82 10.53 22.24
C LYS D 35 1.30 10.64 21.99
N ALA D 36 0.66 11.62 22.60
CA ALA D 36 -0.76 11.86 22.36
C ALA D 36 -1.00 12.24 20.89
N LYS D 37 -0.09 13.04 20.33
CA LYS D 37 -0.17 13.39 18.92
C LYS D 37 0.04 12.20 18.01
N ILE D 38 1.07 11.41 18.32
CA ILE D 38 1.28 10.14 17.62
C ILE D 38 0.01 9.29 17.66
N GLN D 39 -0.66 9.23 18.81
CA GLN D 39 -1.92 8.49 18.88
C GLN D 39 -2.98 9.07 17.95
N ASP D 40 -2.93 10.37 17.69
CA ASP D 40 -3.93 10.99 16.81
C ASP D 40 -3.70 10.63 15.36
N LYS D 41 -2.43 10.58 14.96
CA LYS D 41 -2.10 10.27 13.57
C LYS D 41 -2.07 8.78 13.30
N GLU D 42 -1.79 7.96 14.32
CA GLU D 42 -1.56 6.54 14.08
C GLU D 42 -2.46 5.64 14.90
N GLY D 43 -3.14 6.22 15.89
CA GLY D 43 -4.05 5.43 16.71
C GLY D 43 -3.39 4.39 17.61
N ILE D 44 -2.15 4.67 18.02
CA ILE D 44 -1.41 3.83 18.95
C ILE D 44 -1.45 4.41 20.35
N PRO D 45 -1.99 3.66 21.32
CA PRO D 45 -2.07 4.12 22.70
C PRO D 45 -0.70 4.53 23.27
N PRO D 46 -0.63 5.72 23.88
CA PRO D 46 0.61 6.30 24.42
C PRO D 46 1.35 5.41 25.40
N ASP D 47 0.62 4.56 26.14
CA ASP D 47 1.24 3.69 27.13
C ASP D 47 1.99 2.53 26.47
N GLN D 48 1.83 2.39 25.17
CA GLN D 48 2.55 1.39 24.39
C GLN D 48 3.85 1.91 23.79
N GLN D 49 3.97 3.23 23.67
CA GLN D 49 5.08 3.82 22.91
C GLN D 49 6.40 4.02 23.71
N ARG D 50 7.53 3.71 23.07
CA ARG D 50 8.82 4.20 23.53
C ARG D 50 9.30 5.25 22.55
N LEU D 51 9.59 6.45 23.05
CA LEU D 51 10.24 7.45 22.24
C LEU D 51 11.74 7.52 22.57
N ILE D 52 12.56 7.62 21.53
CA ILE D 52 14.00 7.56 21.63
C ILE D 52 14.68 8.66 20.78
N PHE D 53 15.55 9.45 21.40
CA PHE D 53 16.32 10.48 20.70
C PHE D 53 17.79 10.28 20.98
N ALA D 54 18.55 9.99 19.92
CA ALA D 54 19.97 9.70 20.04
C ALA D 54 20.23 8.58 21.04
N GLY D 55 19.48 7.50 20.93
CA GLY D 55 19.66 6.32 21.77
C GLY D 55 19.17 6.43 23.22
N LYS D 56 18.52 7.54 23.56
CA LYS D 56 18.04 7.75 24.94
C LYS D 56 16.50 7.68 25.04
N GLN D 57 15.98 6.76 25.87
CA GLN D 57 14.53 6.70 26.13
C GLN D 57 14.02 7.93 26.88
N LEU D 58 13.06 8.60 26.28
CA LEU D 58 12.57 9.89 26.78
C LEU D 58 11.44 9.68 27.78
N GLU D 59 11.48 10.40 28.89
CA GLU D 59 10.47 10.20 29.93
C GLU D 59 9.27 11.12 29.74
N ASP D 60 8.10 10.66 30.16
CA ASP D 60 6.82 11.29 29.85
C ASP D 60 6.69 12.72 30.38
N GLY D 61 7.30 12.97 31.54
CA GLY D 61 7.14 14.22 32.24
C GLY D 61 7.92 15.38 31.66
N ARG D 62 9.02 15.09 30.98
CA ARG D 62 9.91 16.15 30.54
C ARG D 62 9.53 16.70 29.17
N THR D 63 10.20 17.77 28.77
CA THR D 63 9.84 18.50 27.56
C THR D 63 10.91 18.37 26.51
N LEU D 64 10.54 18.64 25.26
CA LEU D 64 11.46 18.59 24.12
C LEU D 64 12.74 19.38 24.39
N SER D 65 12.56 20.56 24.97
CA SER D 65 13.68 21.43 25.31
C SER D 65 14.67 20.76 26.26
N ASP D 66 14.17 20.04 27.28
CA ASP D 66 15.06 19.41 28.25
C ASP D 66 16.00 18.41 27.57
N TYR D 67 15.51 17.79 26.50
CA TYR D 67 16.28 16.81 25.76
C TYR D 67 16.97 17.48 24.57
N ASN D 68 16.86 18.80 24.49
CA ASN D 68 17.39 19.60 23.39
C ASN D 68 17.04 19.02 22.03
N ILE D 69 15.77 18.65 21.86
CA ILE D 69 15.25 18.30 20.55
C ILE D 69 14.85 19.60 19.87
N GLN D 70 15.40 19.85 18.69
CA GLN D 70 15.14 21.13 18.03
C GLN D 70 14.67 20.98 16.57
N LYS D 71 14.81 22.08 15.84
CA LYS D 71 14.45 22.19 14.41
C LYS D 71 14.82 20.94 13.59
N GLU D 72 13.81 20.32 13.01
CA GLU D 72 13.97 19.16 12.11
C GLU D 72 14.67 17.95 12.74
N SER D 73 14.52 17.77 14.06
CA SER D 73 15.07 16.60 14.74
C SER D 73 14.31 15.30 14.42
N THR D 74 14.98 14.16 14.57
CA THR D 74 14.34 12.86 14.38
C THR D 74 14.34 12.00 15.66
N LEU D 75 13.15 11.55 16.03
CA LEU D 75 12.95 10.66 17.17
C LEU D 75 12.62 9.26 16.66
N HIS D 76 12.88 8.22 17.46
CA HIS D 76 12.50 6.87 17.04
C HIS D 76 11.42 6.29 17.92
N LEU D 77 10.49 5.58 17.29
CA LEU D 77 9.34 4.99 17.98
C LEU D 77 9.46 3.47 18.00
N VAL D 78 9.22 2.89 19.18
CA VAL D 78 9.27 1.45 19.42
C VAL D 78 8.10 1.07 20.34
N LEU D 79 7.34 0.03 20.00
CA LEU D 79 6.23 -0.38 20.87
C LEU D 79 6.67 -1.40 21.91
N ARG D 80 6.03 -1.38 23.07
CA ARG D 80 6.32 -2.40 24.09
C ARG D 80 5.78 -3.75 23.64
N LEU D 81 6.36 -4.81 24.18
CA LEU D 81 5.84 -6.15 23.94
C LEU D 81 4.47 -6.28 24.61
N PRO D 82 3.49 -6.78 23.85
CA PRO D 82 2.17 -6.92 24.45
C PRO D 82 2.18 -7.95 25.57
N GLY D 83 1.59 -7.60 26.70
CA GLY D 83 1.62 -8.41 27.89
C GLY D 83 2.53 -7.84 28.97
N THR D 84 3.46 -6.97 28.57
CA THR D 84 4.47 -6.44 29.50
C THR D 84 3.89 -5.30 30.32
N ILE D 85 3.77 -4.13 29.71
CA ILE D 85 3.07 -3.00 30.31
C ILE D 85 2.42 -2.20 29.19
#